data_1RZV
#
_entry.id   1RZV
#
_cell.length_a   69.271
_cell.length_b   87.289
_cell.length_c   88.492
_cell.angle_alpha   90.00
_cell.angle_beta   100.29
_cell.angle_gamma   90.00
#
_symmetry.space_group_name_H-M   'P 1 21 1'
#
loop_
_entity.id
_entity.type
_entity.pdbx_description
1 polymer 'Glycogen synthase 1'
2 water water
#
_entity_poly.entity_id   1
_entity_poly.type   'polypeptide(L)'
_entity_poly.pdbx_seq_one_letter_code
;(MSE)NVLSVSSEIYPLIKTGGLADVVGALPIALEAHGVRTRTLIPGYPAVKAAVTDPVKCFEFTDLLGEKADLLEVQHE
RLDLLILDAPAYYERSGGPYLGQTGKDYPDNWKRFAALSLAAARIGAGVLPGWRPD(MSE)VHAHDWQAA(MSE)TPVY
(MSE)RYAETPEIPSLLTIHNIAFQGQFGANIFSKLALPAHAFG(MSE)EGIEYYNDVSFLKGGLQTATALSTVSPSYAE
EILTAEFG(MSE)GLEGVIGSRAHVLHGIVNGIDADVWNPATDHLIHDNYSAANLKNRALNKKAVAEHFRIDDDGSPLFC
VISRLTWQKGIDL(MSE)AEAVDEIVSLGGRLVVLGAGDVALEGALLAAASRHHGRVGVAIGYNEPLSHL(MSE)QAGCD
AIIIPSRFEPCGLTQLYALRYGCIPVVARTGGLADTVIDANHAALASKAATGVQFSPVTLDGLKQAIRRTVRYYHDPKLW
TQ(MSE)QKLG(MSE)KSDVSWEKSAGLYAALYSQLISKGHHHHHH
;
_entity_poly.pdbx_strand_id   A,B
#
# COMPACT_ATOMS: atom_id res chain seq x y z
N ASN A 2 -5.21 -2.86 37.29
CA ASN A 2 -4.16 -3.77 37.71
C ASN A 2 -3.98 -4.92 36.73
N VAL A 3 -2.75 -5.07 36.24
CA VAL A 3 -2.46 -6.10 35.28
C VAL A 3 -1.32 -6.99 35.69
N LEU A 4 -1.53 -8.29 35.56
CA LEU A 4 -0.50 -9.25 35.85
C LEU A 4 0.13 -9.60 34.51
N SER A 5 1.39 -9.28 34.34
CA SER A 5 2.08 -9.62 33.09
C SER A 5 2.90 -10.89 33.35
N VAL A 6 2.87 -11.83 32.42
CA VAL A 6 3.58 -13.08 32.62
C VAL A 6 4.59 -13.34 31.50
N SER A 7 5.84 -13.56 31.86
CA SER A 7 6.86 -13.79 30.86
C SER A 7 8.06 -14.56 31.39
N SER A 8 8.76 -15.25 30.49
CA SER A 8 9.93 -16.02 30.88
C SER A 8 11.18 -15.14 30.88
N GLU A 9 11.09 -13.92 30.39
CA GLU A 9 12.25 -13.03 30.38
C GLU A 9 11.85 -11.56 30.35
N ILE A 10 12.76 -10.70 30.78
CA ILE A 10 12.45 -9.28 30.80
C ILE A 10 13.72 -8.46 30.92
N TYR A 11 13.86 -7.48 30.03
CA TYR A 11 15.01 -6.59 30.02
C TYR A 11 14.75 -5.59 31.13
N PRO A 12 15.81 -5.22 31.89
CA PRO A 12 17.23 -5.62 31.83
C PRO A 12 17.70 -6.87 32.58
N LEU A 13 16.81 -7.55 33.32
CA LEU A 13 17.20 -8.73 34.08
C LEU A 13 17.72 -9.91 33.27
N ILE A 14 16.96 -10.35 32.27
CA ILE A 14 17.38 -11.49 31.47
C ILE A 14 16.76 -11.36 30.07
N LYS A 15 17.51 -11.71 29.03
CA LYS A 15 17.01 -11.52 27.67
C LYS A 15 17.70 -12.40 26.64
N THR A 16 16.92 -12.97 25.72
CA THR A 16 17.48 -13.79 24.66
C THR A 16 16.97 -13.30 23.31
N GLY A 17 16.09 -12.29 23.34
CA GLY A 17 15.53 -11.78 22.09
C GLY A 17 14.68 -10.56 22.33
N GLY A 18 13.94 -10.12 21.32
CA GLY A 18 13.10 -8.94 21.48
C GLY A 18 11.98 -9.09 22.49
N LEU A 19 11.64 -10.33 22.78
CA LEU A 19 10.59 -10.62 23.73
C LEU A 19 10.83 -9.86 25.05
N ALA A 20 12.06 -9.94 25.55
CA ALA A 20 12.42 -9.27 26.80
C ALA A 20 12.34 -7.76 26.69
N ASP A 21 12.54 -7.23 25.49
CA ASP A 21 12.49 -5.78 25.32
C ASP A 21 11.08 -5.26 25.49
N VAL A 22 10.14 -5.90 24.82
CA VAL A 22 8.75 -5.48 24.89
C VAL A 22 8.24 -5.67 26.31
N VAL A 23 8.56 -6.81 26.89
CA VAL A 23 8.10 -7.10 28.22
C VAL A 23 8.67 -6.13 29.23
N GLY A 24 9.87 -5.62 28.96
CA GLY A 24 10.49 -4.69 29.90
C GLY A 24 10.11 -3.23 29.69
N ALA A 25 9.72 -2.88 28.46
CA ALA A 25 9.38 -1.50 28.14
C ALA A 25 7.91 -1.15 28.32
N LEU A 26 7.02 -2.01 27.83
CA LEU A 26 5.58 -1.78 27.90
C LEU A 26 5.05 -1.46 29.32
N PRO A 27 5.50 -2.20 30.35
CA PRO A 27 5.00 -1.91 31.69
C PRO A 27 5.26 -0.44 32.05
N ILE A 28 6.53 -0.06 31.96
CA ILE A 28 6.97 1.30 32.27
C ILE A 28 6.16 2.30 31.49
N ALA A 29 6.06 2.09 30.19
CA ALA A 29 5.31 2.98 29.34
C ALA A 29 3.83 3.04 29.73
N LEU A 30 3.29 1.91 30.18
CA LEU A 30 1.88 1.84 30.57
C LEU A 30 1.47 2.71 31.76
N GLU A 31 2.41 2.97 32.65
CA GLU A 31 2.13 3.80 33.81
C GLU A 31 1.62 5.18 33.39
N ALA A 32 2.13 5.69 32.27
CA ALA A 32 1.72 6.98 31.77
C ALA A 32 0.30 6.91 31.26
N HIS A 33 -0.36 5.77 31.49
CA HIS A 33 -1.73 5.56 31.03
C HIS A 33 -2.65 5.02 32.13
N GLY A 34 -2.23 5.23 33.38
CA GLY A 34 -3.04 4.78 34.49
C GLY A 34 -3.14 3.28 34.63
N VAL A 35 -2.06 2.58 34.30
CA VAL A 35 -2.07 1.14 34.44
C VAL A 35 -0.89 0.68 35.28
N ARG A 36 -1.17 -0.11 36.31
CA ARG A 36 -0.09 -0.67 37.12
C ARG A 36 0.12 -2.09 36.61
N THR A 37 1.38 -2.47 36.40
CA THR A 37 1.68 -3.79 35.93
C THR A 37 2.70 -4.43 36.85
N ARG A 38 2.47 -5.69 37.16
CA ARG A 38 3.39 -6.45 37.98
C ARG A 38 3.73 -7.62 37.08
N THR A 39 5.00 -7.81 36.81
CA THR A 39 5.39 -8.88 35.93
C THR A 39 5.97 -10.07 36.67
N LEU A 40 5.31 -11.20 36.50
CA LEU A 40 5.73 -12.45 37.11
C LEU A 40 6.78 -13.05 36.20
N ILE A 41 7.97 -13.26 36.75
CA ILE A 41 9.09 -13.84 35.99
C ILE A 41 9.77 -14.96 36.80
N PRO A 42 10.41 -15.92 36.13
CA PRO A 42 11.06 -16.99 36.89
C PRO A 42 12.23 -16.46 37.72
N GLY A 43 12.54 -17.14 38.81
CA GLY A 43 13.64 -16.71 39.67
C GLY A 43 14.99 -17.26 39.23
N TYR A 44 15.40 -16.95 38.01
CA TYR A 44 16.68 -17.42 37.51
C TYR A 44 17.77 -16.89 38.43
N PRO A 45 18.93 -17.57 38.48
CA PRO A 45 20.01 -17.08 39.36
C PRO A 45 20.33 -15.62 39.03
N ALA A 46 20.52 -15.35 37.75
CA ALA A 46 20.82 -14.00 37.28
C ALA A 46 19.78 -13.03 37.77
N VAL A 47 18.51 -13.45 37.78
CA VAL A 47 17.44 -12.57 38.23
C VAL A 47 17.56 -12.26 39.72
N LYS A 48 17.81 -13.29 40.52
CA LYS A 48 17.92 -13.08 41.96
C LYS A 48 19.13 -12.23 42.33
N ALA A 49 20.21 -12.40 41.57
CA ALA A 49 21.42 -11.66 41.84
C ALA A 49 21.46 -10.19 41.39
N ALA A 50 20.32 -9.57 41.06
CA ALA A 50 20.38 -8.18 40.60
C ALA A 50 19.44 -7.33 41.42
N VAL A 51 18.46 -8.00 42.00
CA VAL A 51 17.43 -7.35 42.77
C VAL A 51 17.91 -6.93 44.15
N THR A 52 17.17 -6.05 44.82
CA THR A 52 17.54 -5.60 46.15
C THR A 52 16.38 -5.51 47.13
N ASP A 53 16.46 -6.32 48.19
CA ASP A 53 15.46 -6.43 49.22
C ASP A 53 14.19 -7.09 48.77
N PRO A 54 14.26 -8.33 48.11
CA PRO A 54 13.13 -9.12 47.62
C PRO A 54 12.34 -9.29 48.89
N VAL A 55 11.04 -9.43 48.74
CA VAL A 55 10.28 -9.57 49.96
C VAL A 55 9.29 -10.66 49.77
N LYS A 56 9.65 -11.82 50.29
CA LYS A 56 8.77 -12.99 50.20
C LYS A 56 7.36 -12.56 50.60
N CYS A 57 6.40 -12.73 49.71
CA CYS A 57 5.03 -12.34 49.97
C CYS A 57 4.04 -13.50 49.87
N PHE A 58 4.55 -14.65 49.45
CA PHE A 58 3.70 -15.83 49.36
C PHE A 58 4.55 -17.07 49.23
N GLU A 59 3.93 -18.21 49.45
CA GLU A 59 4.63 -19.48 49.36
C GLU A 59 3.69 -20.52 48.74
N PHE A 60 4.09 -21.07 47.60
CA PHE A 60 3.29 -22.08 46.92
C PHE A 60 3.75 -23.42 47.44
N THR A 61 2.82 -24.19 47.99
CA THR A 61 3.16 -25.50 48.52
C THR A 61 3.26 -26.58 47.45
N ASP A 62 2.51 -26.41 46.37
CA ASP A 62 2.51 -27.40 45.29
C ASP A 62 2.33 -26.82 43.89
N LEU A 63 3.45 -26.71 43.16
CA LEU A 63 3.44 -26.22 41.78
C LEU A 63 3.87 -27.39 40.92
N LEU A 64 2.91 -28.24 40.58
CA LEU A 64 3.21 -29.42 39.80
C LEU A 64 4.21 -30.24 40.63
N GLY A 65 3.95 -30.30 41.93
CA GLY A 65 4.80 -31.07 42.84
C GLY A 65 6.08 -30.45 43.37
N GLU A 66 6.24 -29.13 43.24
CA GLU A 66 7.43 -28.48 43.76
C GLU A 66 7.04 -27.26 44.56
N LYS A 67 7.89 -26.86 45.51
CA LYS A 67 7.59 -25.69 46.32
C LYS A 67 8.22 -24.45 45.69
N ALA A 68 7.67 -23.29 46.02
CA ALA A 68 8.20 -22.06 45.47
C ALA A 68 7.73 -20.87 46.29
N ASP A 69 8.63 -19.89 46.46
CA ASP A 69 8.31 -18.69 47.20
C ASP A 69 8.01 -17.60 46.18
N LEU A 70 7.10 -16.69 46.51
CA LEU A 70 6.80 -15.60 45.61
C LEU A 70 7.46 -14.37 46.18
N LEU A 71 8.47 -13.87 45.48
CA LEU A 71 9.19 -12.68 45.92
C LEU A 71 8.67 -11.45 45.20
N GLU A 72 8.62 -10.32 45.89
CA GLU A 72 8.16 -9.09 45.26
C GLU A 72 9.21 -8.02 45.46
N VAL A 73 9.56 -7.34 44.38
CA VAL A 73 10.58 -6.31 44.41
C VAL A 73 10.37 -5.28 43.33
N GLN A 74 11.20 -4.25 43.40
CA GLN A 74 11.25 -3.16 42.44
C GLN A 74 12.68 -3.13 41.94
N HIS A 75 12.85 -3.40 40.66
CA HIS A 75 14.14 -3.35 40.03
C HIS A 75 14.03 -2.14 39.11
N GLU A 76 15.03 -1.93 38.29
CA GLU A 76 15.02 -0.75 37.49
C GLU A 76 13.62 -0.06 37.43
N ARG A 77 12.72 -0.23 36.47
CA ARG A 77 11.50 0.55 36.76
C ARG A 77 10.29 -0.35 36.80
N LEU A 78 10.57 -1.62 37.02
CA LEU A 78 9.56 -2.66 37.02
C LEU A 78 9.05 -3.07 38.37
N ASP A 79 7.73 -3.22 38.46
CA ASP A 79 7.06 -3.72 39.67
C ASP A 79 7.11 -5.24 39.39
N LEU A 80 8.01 -5.95 40.05
CA LEU A 80 8.17 -7.37 39.80
C LEU A 80 7.61 -8.32 40.83
N LEU A 81 7.53 -9.58 40.43
CA LEU A 81 7.08 -10.70 41.24
C LEU A 81 7.92 -11.87 40.75
N ILE A 82 8.87 -12.30 41.58
CA ILE A 82 9.76 -13.40 41.21
C ILE A 82 9.35 -14.75 41.82
N LEU A 83 9.11 -15.72 40.96
CA LEU A 83 8.73 -17.06 41.39
C LEU A 83 9.98 -17.86 41.70
N ASP A 84 10.41 -17.81 42.95
CA ASP A 84 11.60 -18.53 43.38
C ASP A 84 11.29 -20.01 43.58
N ALA A 85 11.51 -20.80 42.54
CA ALA A 85 11.27 -22.24 42.58
C ALA A 85 12.56 -22.94 42.19
N PRO A 86 13.50 -23.05 43.14
CA PRO A 86 14.81 -23.70 42.95
C PRO A 86 14.78 -24.91 42.03
N ALA A 87 13.83 -25.80 42.26
CA ALA A 87 13.69 -27.02 41.47
C ALA A 87 13.54 -26.75 39.97
N TYR A 88 13.03 -25.58 39.62
CA TYR A 88 12.84 -25.23 38.22
C TYR A 88 13.84 -24.23 37.66
N TYR A 89 14.12 -23.17 38.40
CA TYR A 89 15.00 -22.13 37.90
C TYR A 89 16.44 -22.00 38.40
N GLU A 90 16.79 -22.74 39.45
CA GLU A 90 18.15 -22.64 39.96
C GLU A 90 19.10 -23.54 39.16
N ARG A 91 19.47 -23.07 37.97
CA ARG A 91 20.37 -23.82 37.09
C ARG A 91 21.48 -22.93 36.53
N SER A 92 22.55 -23.58 36.10
CA SER A 92 23.72 -22.91 35.54
C SER A 92 23.43 -21.70 34.65
N GLY A 93 23.23 -21.94 33.35
CA GLY A 93 22.97 -20.82 32.47
C GLY A 93 21.68 -20.86 31.68
N GLY A 94 21.69 -20.18 30.53
CA GLY A 94 20.56 -20.11 29.63
C GLY A 94 19.18 -20.49 30.14
N PRO A 95 18.22 -19.55 30.14
CA PRO A 95 16.84 -19.77 30.58
C PRO A 95 16.16 -21.00 30.00
N TYR A 96 16.45 -21.31 28.74
CA TYR A 96 15.81 -22.43 28.05
C TYR A 96 16.78 -23.52 27.63
N LEU A 97 18.04 -23.14 27.47
CA LEU A 97 19.05 -24.09 27.04
C LEU A 97 19.96 -24.51 28.18
N GLY A 98 20.44 -25.75 28.11
CA GLY A 98 21.33 -26.25 29.12
C GLY A 98 22.76 -25.86 28.82
N GLN A 99 23.68 -26.17 29.74
CA GLN A 99 25.08 -25.84 29.52
C GLN A 99 25.63 -26.43 28.22
N THR A 100 24.98 -27.48 27.73
CA THR A 100 25.41 -28.14 26.50
C THR A 100 24.81 -27.49 25.24
N GLY A 101 23.76 -26.69 25.44
CA GLY A 101 23.12 -26.03 24.31
C GLY A 101 21.79 -26.61 23.88
N LYS A 102 21.27 -27.57 24.64
CA LYS A 102 20.00 -28.18 24.30
C LYS A 102 18.97 -27.76 25.33
N ASP A 103 17.71 -27.68 24.94
CA ASP A 103 16.66 -27.28 25.87
C ASP A 103 16.62 -28.23 27.05
N TYR A 104 16.43 -27.72 28.25
CA TYR A 104 16.31 -28.62 29.40
C TYR A 104 15.11 -29.49 29.04
N PRO A 105 15.24 -30.83 29.14
CA PRO A 105 14.12 -31.74 28.82
C PRO A 105 12.96 -31.44 29.74
N ASP A 106 13.29 -30.58 30.68
CA ASP A 106 12.45 -30.13 31.77
C ASP A 106 11.59 -28.87 31.52
N ASN A 107 11.83 -28.21 30.40
CA ASN A 107 11.15 -26.97 30.03
C ASN A 107 9.63 -26.93 30.19
N TRP A 108 8.93 -27.89 29.60
CA TRP A 108 7.49 -27.93 29.67
C TRP A 108 7.01 -27.75 31.09
N LYS A 109 7.65 -28.46 32.03
CA LYS A 109 7.24 -28.39 33.41
C LYS A 109 7.66 -27.09 34.08
N ARG A 110 8.83 -26.57 33.73
CA ARG A 110 9.32 -25.32 34.33
C ARG A 110 8.44 -24.12 34.00
N PHE A 111 7.92 -24.08 32.78
CA PHE A 111 7.08 -22.96 32.38
C PHE A 111 5.59 -23.19 32.58
N ALA A 112 5.17 -24.45 32.69
CA ALA A 112 3.77 -24.69 32.96
C ALA A 112 3.62 -24.22 34.41
N ALA A 113 4.67 -24.46 35.21
CA ALA A 113 4.66 -24.07 36.61
C ALA A 113 4.50 -22.55 36.72
N LEU A 114 5.28 -21.82 35.93
CA LEU A 114 5.21 -20.37 35.93
C LEU A 114 3.77 -19.96 35.63
N SER A 115 3.18 -20.60 34.64
CA SER A 115 1.82 -20.28 34.24
C SER A 115 0.77 -20.61 35.29
N LEU A 116 0.92 -21.74 35.97
CA LEU A 116 -0.04 -22.12 37.01
C LEU A 116 0.07 -21.13 38.18
N ALA A 117 1.30 -20.74 38.48
CA ALA A 117 1.51 -19.77 39.54
C ALA A 117 0.78 -18.47 39.17
N ALA A 118 0.85 -18.07 37.91
CA ALA A 118 0.19 -16.85 37.46
C ALA A 118 -1.32 -16.97 37.50
N ALA A 119 -1.84 -18.14 37.10
CA ALA A 119 -3.29 -18.38 37.09
C ALA A 119 -3.82 -18.30 38.52
N ARG A 120 -3.05 -18.85 39.45
CA ARG A 120 -3.46 -18.81 40.85
C ARG A 120 -3.48 -17.35 41.31
N ILE A 121 -2.47 -16.57 40.92
CA ILE A 121 -2.45 -15.17 41.28
C ILE A 121 -3.69 -14.53 40.67
N GLY A 122 -4.02 -14.94 39.46
CA GLY A 122 -5.18 -14.42 38.79
C GLY A 122 -6.45 -14.80 39.57
N ALA A 123 -6.39 -15.94 40.26
CA ALA A 123 -7.55 -16.38 41.03
C ALA A 123 -7.70 -15.64 42.37
N GLY A 124 -6.67 -14.90 42.78
CA GLY A 124 -6.71 -14.15 44.03
C GLY A 124 -5.99 -14.76 45.21
N VAL A 125 -5.07 -15.66 44.95
CA VAL A 125 -4.34 -16.33 46.02
C VAL A 125 -3.49 -15.35 46.87
N LEU A 126 -3.10 -14.23 46.29
CA LEU A 126 -2.29 -13.24 46.98
C LEU A 126 -3.16 -12.24 47.73
N PRO A 127 -2.89 -12.06 49.04
CA PRO A 127 -3.65 -11.11 49.85
C PRO A 127 -3.15 -9.73 49.49
N GLY A 128 -4.04 -8.77 49.43
CA GLY A 128 -3.60 -7.43 49.09
C GLY A 128 -3.54 -7.11 47.62
N TRP A 129 -3.34 -8.11 46.77
CA TRP A 129 -3.29 -7.84 45.33
C TRP A 129 -3.90 -8.90 44.43
N ARG A 130 -4.83 -8.47 43.59
CA ARG A 130 -5.48 -9.36 42.64
C ARG A 130 -5.60 -8.56 41.34
N PRO A 131 -5.01 -9.06 40.26
CA PRO A 131 -5.05 -8.38 38.96
C PRO A 131 -6.45 -8.27 38.41
N ASP A 132 -6.65 -7.31 37.52
CA ASP A 132 -7.92 -7.15 36.85
C ASP A 132 -7.89 -8.07 35.63
N VAL A 134 -4.84 -10.59 32.99
CA VAL A 134 -3.52 -11.13 32.79
C VAL A 134 -3.07 -10.88 31.36
N HIS A 135 -1.80 -10.49 31.20
CA HIS A 135 -1.23 -10.28 29.88
C HIS A 135 -0.07 -11.27 29.76
N ALA A 136 -0.27 -12.35 29.00
CA ALA A 136 0.78 -13.37 28.83
C ALA A 136 1.52 -13.17 27.55
N HIS A 137 2.83 -13.41 27.58
CA HIS A 137 3.69 -13.23 26.43
C HIS A 137 4.35 -14.56 26.01
N ASP A 138 4.23 -14.89 24.73
CA ASP A 138 4.83 -16.08 24.16
C ASP A 138 4.44 -17.42 24.82
N TRP A 139 4.97 -18.52 24.28
CA TRP A 139 4.63 -19.85 24.76
C TRP A 139 4.90 -20.16 26.24
N GLN A 140 6.06 -19.76 26.75
CA GLN A 140 6.36 -20.05 28.16
C GLN A 140 5.26 -19.62 29.12
N ALA A 141 4.44 -18.66 28.69
CA ALA A 141 3.37 -18.14 29.55
C ALA A 141 1.97 -18.36 29.03
N ALA A 142 1.86 -18.93 27.83
CA ALA A 142 0.56 -19.17 27.20
C ALA A 142 -0.36 -20.11 27.96
N THR A 144 -1.13 -19.86 31.05
CA THR A 144 -1.82 -19.13 32.08
C THR A 144 -3.34 -19.11 31.87
N PRO A 145 -3.80 -18.77 30.66
CA PRO A 145 -5.25 -18.74 30.40
C PRO A 145 -5.81 -20.17 30.39
N VAL A 146 -4.96 -21.15 30.09
CA VAL A 146 -5.37 -22.55 30.08
C VAL A 146 -5.70 -22.94 31.52
N TYR A 147 -4.75 -22.70 32.42
CA TYR A 147 -4.95 -23.01 33.82
C TYR A 147 -6.14 -22.26 34.42
N ARG A 149 -8.81 -21.22 32.81
CA ARG A 149 -10.03 -21.73 32.18
C ARG A 149 -10.51 -22.99 32.88
N TYR A 150 -9.57 -23.89 33.14
CA TYR A 150 -9.87 -25.16 33.77
C TYR A 150 -9.89 -25.12 35.28
N ALA A 151 -9.37 -24.04 35.87
CA ALA A 151 -9.40 -23.92 37.32
C ALA A 151 -10.86 -23.78 37.78
N GLU A 152 -11.11 -24.14 39.03
CA GLU A 152 -12.44 -24.03 39.60
C GLU A 152 -12.90 -22.57 39.57
N THR A 153 -11.99 -21.66 39.90
CA THR A 153 -12.29 -20.24 39.93
C THR A 153 -12.60 -19.68 38.55
N PRO A 154 -13.68 -18.89 38.42
CA PRO A 154 -13.97 -18.36 37.09
C PRO A 154 -12.82 -17.40 36.71
N GLU A 155 -12.30 -17.58 35.50
CA GLU A 155 -11.17 -16.79 35.01
C GLU A 155 -11.40 -15.28 34.89
N ILE A 156 -10.32 -14.51 35.01
CA ILE A 156 -10.40 -13.06 34.80
C ILE A 156 -10.00 -12.92 33.33
N PRO A 157 -10.06 -11.70 32.78
CA PRO A 157 -9.66 -11.64 31.38
C PRO A 157 -8.19 -11.86 31.14
N SER A 158 -7.86 -12.28 29.92
CA SER A 158 -6.48 -12.52 29.53
C SER A 158 -6.19 -12.11 28.08
N LEU A 159 -5.01 -11.56 27.86
CA LEU A 159 -4.54 -11.17 26.52
C LEU A 159 -3.27 -12.00 26.29
N LEU A 160 -3.23 -12.76 25.20
CA LEU A 160 -2.01 -13.53 24.93
C LEU A 160 -1.35 -12.87 23.73
N THR A 161 -0.10 -12.45 23.91
CA THR A 161 0.62 -11.80 22.83
C THR A 161 1.65 -12.74 22.21
N ILE A 162 1.63 -12.85 20.89
CA ILE A 162 2.60 -13.71 20.22
C ILE A 162 3.79 -12.88 19.73
N HIS A 163 5.00 -13.25 20.15
CA HIS A 163 6.22 -12.55 19.73
C HIS A 163 6.95 -13.45 18.76
N ASN A 164 7.04 -14.73 19.11
CA ASN A 164 7.74 -15.73 18.31
C ASN A 164 6.78 -16.89 18.01
N ILE A 165 6.08 -16.81 16.90
CA ILE A 165 5.11 -17.85 16.57
C ILE A 165 5.76 -19.17 16.19
N ALA A 166 7.09 -19.17 16.10
CA ALA A 166 7.80 -20.40 15.74
C ALA A 166 8.08 -21.27 16.98
N PHE A 167 8.04 -20.66 18.16
CA PHE A 167 8.26 -21.39 19.42
C PHE A 167 6.88 -21.59 20.00
N GLN A 168 6.40 -22.82 19.90
CA GLN A 168 5.05 -23.14 20.31
C GLN A 168 4.92 -23.99 21.53
N GLY A 169 6.03 -24.36 22.16
CA GLY A 169 5.93 -25.22 23.34
C GLY A 169 5.20 -26.52 23.01
N GLN A 170 5.69 -27.22 22.00
CA GLN A 170 5.11 -28.49 21.58
C GLN A 170 5.86 -29.58 22.31
N PHE A 171 5.12 -30.47 22.97
CA PHE A 171 5.72 -31.54 23.73
C PHE A 171 4.96 -32.84 23.49
N GLY A 172 5.59 -33.96 23.84
CA GLY A 172 4.93 -35.25 23.67
C GLY A 172 3.71 -35.35 24.59
N ALA A 173 2.73 -36.16 24.19
CA ALA A 173 1.52 -36.32 24.98
C ALA A 173 1.77 -36.94 26.35
N ASN A 174 2.96 -37.49 26.56
CA ASN A 174 3.27 -38.14 27.82
C ASN A 174 3.48 -37.20 28.99
N ILE A 175 3.42 -35.89 28.77
CA ILE A 175 3.59 -34.96 29.87
C ILE A 175 2.24 -34.51 30.38
N PHE A 176 1.19 -34.83 29.62
CA PHE A 176 -0.15 -34.40 29.98
C PHE A 176 -0.61 -34.74 31.41
N SER A 177 -0.40 -35.97 31.83
CA SER A 177 -0.81 -36.39 33.16
C SER A 177 0.00 -35.71 34.25
N LYS A 178 0.97 -34.90 33.86
CA LYS A 178 1.80 -34.21 34.85
C LYS A 178 1.48 -32.70 34.89
N LEU A 179 0.51 -32.28 34.10
CA LEU A 179 0.14 -30.87 34.03
C LEU A 179 -0.97 -30.43 34.97
N ALA A 180 -1.49 -31.36 35.76
CA ALA A 180 -2.57 -31.06 36.72
C ALA A 180 -3.77 -30.45 36.01
N LEU A 181 -4.18 -31.05 34.91
CA LEU A 181 -5.32 -30.56 34.16
C LEU A 181 -6.36 -31.66 33.98
N PRO A 182 -7.61 -31.28 33.76
CA PRO A 182 -8.69 -32.26 33.57
C PRO A 182 -8.51 -32.93 32.21
N ALA A 183 -8.93 -34.17 32.11
CA ALA A 183 -8.77 -34.91 30.85
C ALA A 183 -9.34 -34.18 29.62
N HIS A 184 -10.46 -33.48 29.77
CA HIS A 184 -11.03 -32.79 28.63
C HIS A 184 -10.23 -31.58 28.18
N ALA A 185 -9.17 -31.24 28.91
CA ALA A 185 -8.33 -30.12 28.50
C ALA A 185 -7.41 -30.61 27.35
N PHE A 186 -7.36 -31.93 27.14
CA PHE A 186 -6.57 -32.48 26.05
C PHE A 186 -7.43 -32.66 24.80
N GLY A 187 -8.59 -32.02 24.77
CA GLY A 187 -9.43 -32.10 23.59
C GLY A 187 -9.00 -31.04 22.59
N GLU A 189 -10.61 -28.27 21.91
CA GLU A 189 -10.88 -26.96 22.49
C GLU A 189 -9.72 -26.61 23.39
N GLY A 190 -8.89 -27.60 23.70
CA GLY A 190 -7.78 -27.37 24.61
C GLY A 190 -6.37 -27.30 24.07
N ILE A 191 -5.48 -28.05 24.71
CA ILE A 191 -4.09 -28.02 24.31
C ILE A 191 -3.58 -29.10 23.37
N GLU A 192 -4.45 -30.00 22.90
CA GLU A 192 -3.98 -31.05 22.01
C GLU A 192 -3.66 -30.37 20.68
N TYR A 193 -2.62 -30.88 20.02
CA TYR A 193 -2.17 -30.33 18.76
C TYR A 193 -1.48 -31.48 18.02
N TYR A 194 -2.21 -32.12 17.10
CA TYR A 194 -1.67 -33.25 16.38
C TYR A 194 -1.16 -34.33 17.30
N ASN A 195 -2.01 -34.71 18.26
CA ASN A 195 -1.71 -35.76 19.22
C ASN A 195 -0.66 -35.38 20.24
N ASP A 196 -0.03 -34.23 20.01
CA ASP A 196 0.92 -33.73 20.98
C ASP A 196 0.29 -32.62 21.85
N VAL A 197 1.10 -32.08 22.73
CA VAL A 197 0.67 -31.04 23.61
C VAL A 197 1.32 -29.77 23.10
N SER A 198 0.55 -28.69 23.04
CA SER A 198 1.07 -27.41 22.58
C SER A 198 0.65 -26.33 23.57
N PHE A 199 1.62 -25.75 24.27
CA PHE A 199 1.32 -24.71 25.25
C PHE A 199 0.76 -23.45 24.56
N LEU A 200 1.34 -23.07 23.41
CA LEU A 200 0.91 -21.86 22.72
C LEU A 200 -0.47 -22.04 22.12
N LYS A 201 -0.71 -23.21 21.54
CA LYS A 201 -2.00 -23.52 20.94
C LYS A 201 -3.04 -23.50 22.04
N GLY A 202 -2.69 -24.08 23.19
CA GLY A 202 -3.61 -24.08 24.31
C GLY A 202 -4.04 -22.68 24.64
N GLY A 203 -3.05 -21.81 24.80
CA GLY A 203 -3.32 -20.43 25.14
C GLY A 203 -4.09 -19.68 24.08
N LEU A 204 -3.78 -19.95 22.80
CA LEU A 204 -4.46 -19.29 21.70
C LEU A 204 -5.95 -19.63 21.71
N GLN A 205 -6.28 -20.79 22.26
CA GLN A 205 -7.68 -21.26 22.35
C GLN A 205 -8.42 -20.71 23.54
N THR A 206 -7.71 -20.38 24.61
CA THR A 206 -8.36 -19.94 25.82
C THR A 206 -8.24 -18.48 26.23
N ALA A 207 -7.28 -17.76 25.69
CA ALA A 207 -7.15 -16.35 26.05
C ALA A 207 -8.39 -15.58 25.57
N THR A 208 -8.82 -14.59 26.34
CA THR A 208 -9.96 -13.77 25.98
C THR A 208 -9.68 -13.03 24.66
N ALA A 209 -8.43 -12.59 24.49
CA ALA A 209 -8.02 -11.87 23.29
C ALA A 209 -6.58 -12.23 22.87
N LEU A 210 -6.30 -12.19 21.57
CA LEU A 210 -4.95 -12.50 21.05
C LEU A 210 -4.35 -11.30 20.32
N SER A 211 -3.04 -11.20 20.33
CA SER A 211 -2.42 -10.10 19.63
C SER A 211 -0.98 -10.39 19.31
N THR A 212 -0.48 -9.65 18.33
CA THR A 212 0.90 -9.78 17.96
C THR A 212 1.42 -8.38 17.71
N VAL A 213 2.70 -8.25 17.34
CA VAL A 213 3.30 -6.93 17.23
C VAL A 213 3.14 -5.94 16.08
N SER A 214 2.08 -6.08 15.30
CA SER A 214 1.78 -5.12 14.23
C SER A 214 0.50 -5.58 13.55
N PRO A 215 -0.32 -4.63 13.08
CA PRO A 215 -1.58 -5.03 12.41
C PRO A 215 -1.39 -5.99 11.24
N SER A 216 -0.38 -5.72 10.40
CA SER A 216 -0.14 -6.58 9.24
C SER A 216 0.35 -7.98 9.60
N TYR A 217 1.21 -8.08 10.60
CA TYR A 217 1.67 -9.39 11.00
C TYR A 217 0.49 -10.18 11.58
N ALA A 218 -0.47 -9.48 12.17
CA ALA A 218 -1.64 -10.18 12.72
C ALA A 218 -2.45 -10.78 11.59
N GLU A 219 -2.36 -10.19 10.39
CA GLU A 219 -3.10 -10.71 9.24
C GLU A 219 -2.27 -11.85 8.64
N GLU A 220 -0.96 -11.64 8.59
CA GLU A 220 -0.08 -12.63 8.03
C GLU A 220 -0.10 -13.96 8.76
N ILE A 221 -0.28 -13.96 10.09
CA ILE A 221 -0.28 -15.25 10.79
C ILE A 221 -1.55 -16.05 10.58
N LEU A 222 -2.50 -15.50 9.84
CA LEU A 222 -3.74 -16.19 9.51
C LEU A 222 -3.51 -16.99 8.23
N THR A 223 -2.35 -16.79 7.60
CA THR A 223 -2.02 -17.49 6.36
C THR A 223 -0.96 -18.57 6.57
N ALA A 224 -0.98 -19.58 5.72
CA ALA A 224 -0.02 -20.67 5.81
C ALA A 224 1.43 -20.21 5.74
N GLU A 225 1.70 -19.13 5.01
CA GLU A 225 3.08 -18.63 4.89
C GLU A 225 3.73 -18.16 6.19
N PHE A 226 2.94 -17.62 7.11
CA PHE A 226 3.51 -17.15 8.37
C PHE A 226 2.95 -17.82 9.62
N GLY A 227 1.83 -18.54 9.48
CA GLY A 227 1.18 -19.19 10.62
C GLY A 227 1.92 -20.32 11.31
N GLY A 229 1.66 -23.42 11.16
CA GLY A 229 0.78 -24.46 11.65
C GLY A 229 -0.36 -24.05 12.55
N LEU A 230 -0.30 -22.83 13.10
CA LEU A 230 -1.35 -22.35 14.00
C LEU A 230 -2.32 -21.40 13.30
N GLU A 231 -2.19 -21.22 12.00
CA GLU A 231 -3.08 -20.31 11.27
C GLU A 231 -4.54 -20.71 11.45
N GLY A 232 -4.81 -22.02 11.45
CA GLY A 232 -6.17 -22.50 11.63
C GLY A 232 -6.76 -22.09 12.97
N VAL A 233 -6.03 -22.41 14.03
CA VAL A 233 -6.46 -22.08 15.37
C VAL A 233 -6.69 -20.58 15.52
N ILE A 234 -5.71 -19.79 15.06
CA ILE A 234 -5.77 -18.34 15.14
C ILE A 234 -6.89 -17.76 14.28
N GLY A 235 -7.04 -18.28 13.06
CA GLY A 235 -8.10 -17.81 12.18
C GLY A 235 -9.47 -17.98 12.80
N SER A 236 -9.68 -19.11 13.47
CA SER A 236 -10.97 -19.38 14.10
C SER A 236 -11.27 -18.33 15.17
N ARG A 237 -10.24 -17.64 15.63
CA ARG A 237 -10.45 -16.62 16.66
C ARG A 237 -10.04 -15.24 16.19
N ALA A 238 -10.11 -15.02 14.89
CA ALA A 238 -9.71 -13.75 14.33
C ALA A 238 -10.45 -12.55 14.90
N HIS A 239 -11.74 -12.71 15.20
CA HIS A 239 -12.50 -11.59 15.72
C HIS A 239 -11.93 -10.97 17.00
N VAL A 240 -11.10 -11.71 17.74
CA VAL A 240 -10.50 -11.16 18.96
C VAL A 240 -8.99 -11.03 18.83
N LEU A 241 -8.50 -11.00 17.59
CA LEU A 241 -7.07 -10.87 17.30
C LEU A 241 -6.72 -9.42 17.03
N HIS A 242 -5.64 -8.93 17.61
CA HIS A 242 -5.24 -7.55 17.43
C HIS A 242 -3.76 -7.42 17.04
N GLY A 243 -3.42 -6.30 16.42
CA GLY A 243 -2.05 -6.05 16.02
C GLY A 243 -1.68 -4.68 16.54
N ILE A 244 -0.57 -4.58 17.26
CA ILE A 244 -0.14 -3.29 17.80
C ILE A 244 1.36 -3.12 17.63
N VAL A 245 1.75 -2.11 16.86
CA VAL A 245 3.15 -1.84 16.58
C VAL A 245 3.97 -1.60 17.87
N ASN A 246 5.17 -2.18 17.94
CA ASN A 246 6.03 -1.96 19.11
C ASN A 246 6.58 -0.56 19.08
N GLY A 247 6.88 -0.02 20.26
CA GLY A 247 7.47 1.31 20.28
C GLY A 247 8.97 1.18 20.39
N ILE A 248 9.66 2.31 20.46
CA ILE A 248 11.10 2.29 20.63
C ILE A 248 11.45 3.30 21.74
N ASP A 249 12.65 3.17 22.29
CA ASP A 249 13.12 4.06 23.33
C ASP A 249 13.53 5.35 22.65
N ALA A 250 12.61 6.30 22.52
CA ALA A 250 12.89 7.57 21.85
C ALA A 250 13.88 8.48 22.58
N ASP A 251 14.25 8.12 23.80
CA ASP A 251 15.22 8.91 24.54
C ASP A 251 16.62 8.46 24.11
N VAL A 252 16.81 7.17 23.95
CA VAL A 252 18.11 6.66 23.51
C VAL A 252 18.25 6.97 22.01
N TRP A 253 17.16 6.85 21.26
CA TRP A 253 17.21 7.16 19.84
C TRP A 253 16.57 8.51 19.58
N ASN A 254 17.39 9.56 19.72
CA ASN A 254 16.98 10.94 19.53
C ASN A 254 18.17 11.66 18.90
N PRO A 255 18.04 12.08 17.64
CA PRO A 255 19.10 12.76 16.91
C PRO A 255 19.62 14.02 17.60
N ALA A 256 18.75 14.65 18.38
CA ALA A 256 19.12 15.89 19.05
C ALA A 256 20.02 15.71 20.26
N THR A 257 20.01 14.52 20.85
CA THR A 257 20.79 14.26 22.05
C THR A 257 21.76 13.08 21.94
N ASP A 258 21.59 12.24 20.92
CA ASP A 258 22.44 11.06 20.74
C ASP A 258 23.94 11.36 20.84
N HIS A 259 24.62 10.66 21.73
CA HIS A 259 26.06 10.85 21.93
C HIS A 259 26.88 9.89 21.05
N LEU A 260 26.21 8.98 20.34
CA LEU A 260 26.91 8.02 19.50
C LEU A 260 27.04 8.40 18.03
N ILE A 261 26.69 9.64 17.67
CA ILE A 261 26.79 10.04 16.28
C ILE A 261 27.82 11.14 16.22
N HIS A 262 27.97 11.81 15.08
CA HIS A 262 28.98 12.84 14.97
C HIS A 262 28.46 14.23 15.36
N ASP A 263 27.31 14.62 14.81
CA ASP A 263 26.73 15.91 15.13
C ASP A 263 25.22 15.79 15.30
N ASN A 264 24.69 16.40 16.36
CA ASN A 264 23.27 16.34 16.63
C ASN A 264 22.48 17.28 15.73
N TYR A 265 21.18 17.05 15.64
CA TYR A 265 20.32 17.86 14.79
C TYR A 265 18.88 17.50 15.11
N SER A 266 17.94 18.17 14.46
CA SER A 266 16.52 17.93 14.66
C SER A 266 15.85 18.24 13.32
N ALA A 267 14.53 18.09 13.26
CA ALA A 267 13.78 18.37 12.05
C ALA A 267 13.95 19.81 11.62
N ALA A 268 14.16 20.69 12.58
CA ALA A 268 14.32 22.10 12.28
C ALA A 268 15.73 22.47 11.93
N ASN A 269 16.61 21.47 11.78
CA ASN A 269 17.99 21.77 11.46
C ASN A 269 18.81 20.74 10.66
N LEU A 270 18.14 20.01 9.80
CA LEU A 270 18.81 19.01 8.98
C LEU A 270 20.24 19.31 8.51
N LYS A 271 20.57 20.57 8.26
CA LYS A 271 21.90 20.93 7.76
C LYS A 271 23.03 20.10 8.36
N ASN A 272 22.95 19.88 9.68
CA ASN A 272 23.96 19.11 10.40
C ASN A 272 24.08 17.61 10.08
N ARG A 273 23.04 17.02 9.48
CA ARG A 273 23.08 15.60 9.13
C ARG A 273 24.18 15.37 8.11
N ALA A 274 24.48 16.40 7.33
CA ALA A 274 25.51 16.32 6.33
C ALA A 274 26.85 15.96 6.98
N LEU A 275 27.08 16.46 8.20
CA LEU A 275 28.33 16.14 8.89
C LEU A 275 28.37 14.66 9.24
N ASN A 276 27.23 14.05 9.49
CA ASN A 276 27.18 12.62 9.81
C ASN A 276 27.40 11.82 8.50
N LYS A 277 26.94 12.38 7.39
CA LYS A 277 27.09 11.72 6.09
C LYS A 277 28.58 11.61 5.78
N LYS A 278 29.34 12.64 6.11
CA LYS A 278 30.77 12.66 5.86
C LYS A 278 31.44 11.61 6.74
N ALA A 279 31.09 11.61 8.02
CA ALA A 279 31.64 10.65 8.96
C ALA A 279 31.37 9.22 8.51
N VAL A 280 30.17 8.96 8.00
CA VAL A 280 29.84 7.62 7.54
C VAL A 280 30.69 7.15 6.36
N ALA A 281 30.90 8.02 5.39
CA ALA A 281 31.72 7.64 4.24
C ALA A 281 33.14 7.37 4.70
N GLU A 282 33.64 8.21 5.60
CA GLU A 282 35.00 8.05 6.10
C GLU A 282 35.14 6.73 6.86
N HIS A 283 34.20 6.45 7.73
CA HIS A 283 34.26 5.21 8.49
C HIS A 283 34.33 4.02 7.54
N PHE A 284 33.44 3.96 6.55
CA PHE A 284 33.44 2.85 5.61
C PHE A 284 34.53 2.95 4.52
N ARG A 285 35.34 4.02 4.57
CA ARG A 285 36.40 4.27 3.59
C ARG A 285 35.88 4.28 2.15
N ILE A 286 34.84 5.05 1.86
CA ILE A 286 34.34 5.16 0.50
C ILE A 286 34.32 6.62 0.12
N ASP A 287 34.01 6.91 -1.14
CA ASP A 287 33.96 8.29 -1.58
C ASP A 287 33.06 9.10 -0.66
N ASP A 288 33.39 10.37 -0.48
CA ASP A 288 32.61 11.28 0.33
C ASP A 288 32.13 12.38 -0.62
N ASP A 289 30.88 12.30 -1.04
CA ASP A 289 30.36 13.27 -1.98
C ASP A 289 28.86 13.43 -1.76
N GLY A 290 28.23 14.24 -2.60
CA GLY A 290 26.81 14.48 -2.42
C GLY A 290 25.87 13.49 -3.05
N SER A 291 26.37 12.34 -3.49
CA SER A 291 25.48 11.36 -4.11
C SER A 291 24.63 10.63 -3.09
N PRO A 292 23.54 10.01 -3.54
CA PRO A 292 22.62 9.26 -2.67
C PRO A 292 23.37 8.20 -1.89
N LEU A 293 23.32 8.27 -0.56
CA LEU A 293 23.99 7.28 0.26
C LEU A 293 22.96 6.38 0.91
N PHE A 294 22.90 5.12 0.46
CA PHE A 294 21.97 4.10 0.97
C PHE A 294 22.64 3.22 2.00
N CYS A 295 21.89 2.69 2.94
CA CYS A 295 22.49 1.79 3.91
C CYS A 295 21.61 0.59 4.20
N VAL A 296 22.20 -0.41 4.83
CA VAL A 296 21.49 -1.60 5.24
C VAL A 296 22.02 -1.92 6.63
N ILE A 297 21.12 -2.06 7.59
CA ILE A 297 21.51 -2.39 8.96
C ILE A 297 20.61 -3.54 9.32
N SER A 298 21.09 -4.76 9.13
CA SER A 298 20.23 -5.89 9.42
C SER A 298 20.90 -7.24 9.51
N ARG A 299 20.12 -8.23 9.93
CA ARG A 299 20.61 -9.60 9.99
C ARG A 299 20.78 -9.93 8.50
N LEU A 300 21.87 -10.60 8.14
CA LEU A 300 22.07 -10.91 6.74
C LEU A 300 21.50 -12.28 6.43
N THR A 301 20.18 -12.31 6.23
CA THR A 301 19.50 -13.57 5.94
C THR A 301 18.44 -13.47 4.85
N TRP A 302 18.01 -14.64 4.40
CA TRP A 302 16.98 -14.74 3.39
C TRP A 302 15.69 -14.14 3.93
N GLN A 303 15.37 -14.44 5.20
CA GLN A 303 14.17 -13.90 5.85
C GLN A 303 14.14 -12.36 5.80
N LYS A 304 15.32 -11.73 5.82
CA LYS A 304 15.37 -10.26 5.76
C LYS A 304 15.63 -9.78 4.34
N GLY A 305 15.45 -10.70 3.39
CA GLY A 305 15.60 -10.40 1.97
C GLY A 305 16.95 -9.94 1.51
N ILE A 306 18.01 -10.29 2.23
CA ILE A 306 19.35 -9.86 1.88
C ILE A 306 19.91 -10.55 0.62
N ASP A 307 19.29 -11.66 0.23
CA ASP A 307 19.70 -12.35 -0.99
C ASP A 307 19.28 -11.38 -2.10
N LEU A 308 18.17 -10.69 -1.90
CA LEU A 308 17.69 -9.74 -2.89
C LEU A 308 18.58 -8.49 -2.86
N ALA A 310 21.65 -8.26 -2.05
CA ALA A 310 22.93 -8.58 -2.67
C ALA A 310 22.91 -8.40 -4.19
N GLU A 311 21.84 -8.81 -4.85
CA GLU A 311 21.75 -8.68 -6.30
C GLU A 311 21.31 -7.27 -6.71
N ALA A 312 21.18 -6.35 -5.74
CA ALA A 312 20.71 -5.01 -6.09
C ALA A 312 21.79 -3.95 -5.94
N VAL A 313 23.00 -4.38 -5.63
CA VAL A 313 24.10 -3.46 -5.49
C VAL A 313 24.41 -2.78 -6.84
N ASP A 314 24.56 -3.55 -7.91
CA ASP A 314 24.86 -2.93 -9.20
C ASP A 314 23.82 -1.87 -9.60
N GLU A 315 22.56 -2.12 -9.28
CA GLU A 315 21.50 -1.16 -9.61
C GLU A 315 21.80 0.18 -8.93
N ILE A 316 22.06 0.13 -7.63
CA ILE A 316 22.38 1.33 -6.87
C ILE A 316 23.57 2.08 -7.47
N VAL A 317 24.70 1.39 -7.65
CA VAL A 317 25.89 2.02 -8.22
C VAL A 317 25.61 2.63 -9.60
N SER A 318 24.93 1.90 -10.48
CA SER A 318 24.64 2.44 -11.81
C SER A 318 23.82 3.73 -11.75
N LEU A 319 22.93 3.85 -10.77
CA LEU A 319 22.12 5.06 -10.60
C LEU A 319 22.97 6.22 -10.08
N GLY A 320 24.21 5.91 -9.67
CA GLY A 320 25.09 6.95 -9.17
C GLY A 320 25.11 7.01 -7.65
N GLY A 321 24.46 6.05 -7.01
CA GLY A 321 24.41 6.03 -5.56
C GLY A 321 25.46 5.14 -4.93
N ARG A 322 25.63 5.31 -3.61
CA ARG A 322 26.57 4.55 -2.80
C ARG A 322 25.78 3.68 -1.83
N LEU A 323 26.46 2.70 -1.24
CA LEU A 323 25.84 1.76 -0.31
C LEU A 323 26.81 1.31 0.78
N VAL A 324 26.37 1.38 2.04
CA VAL A 324 27.14 0.92 3.19
C VAL A 324 26.26 -0.08 3.94
N VAL A 325 26.85 -1.22 4.30
CA VAL A 325 26.11 -2.27 4.99
C VAL A 325 26.73 -2.65 6.31
N LEU A 326 25.90 -2.76 7.35
CA LEU A 326 26.37 -3.17 8.66
C LEU A 326 25.46 -4.33 9.10
N GLY A 327 26.06 -5.48 9.40
CA GLY A 327 25.27 -6.63 9.83
C GLY A 327 26.01 -7.96 9.84
N ALA A 328 25.29 -9.01 10.24
CA ALA A 328 25.84 -10.37 10.29
C ALA A 328 24.72 -11.36 10.03
N GLY A 329 25.08 -12.56 9.60
CA GLY A 329 24.08 -13.58 9.35
C GLY A 329 24.64 -14.79 8.62
N ASP A 330 23.91 -15.21 7.61
CA ASP A 330 24.26 -16.35 6.76
C ASP A 330 25.63 -16.05 6.12
N VAL A 331 26.58 -16.97 6.27
CA VAL A 331 27.92 -16.81 5.73
C VAL A 331 27.93 -16.53 4.23
N ALA A 332 27.04 -17.20 3.49
CA ALA A 332 26.98 -17.00 2.04
C ALA A 332 26.58 -15.56 1.70
N LEU A 333 25.64 -15.01 2.46
CA LEU A 333 25.20 -13.65 2.20
C LEU A 333 26.30 -12.67 2.63
N GLU A 334 26.90 -12.93 3.78
CA GLU A 334 28.00 -12.06 4.24
C GLU A 334 29.01 -12.03 3.11
N GLY A 335 29.34 -13.20 2.60
CA GLY A 335 30.30 -13.33 1.52
C GLY A 335 29.91 -12.66 0.23
N ALA A 336 28.65 -12.78 -0.19
CA ALA A 336 28.27 -12.16 -1.44
C ALA A 336 28.30 -10.64 -1.30
N LEU A 337 28.09 -10.13 -0.09
CA LEU A 337 28.12 -8.69 0.13
C LEU A 337 29.55 -8.19 0.06
N LEU A 338 30.46 -8.87 0.75
CA LEU A 338 31.86 -8.48 0.70
C LEU A 338 32.36 -8.55 -0.73
N ALA A 339 31.93 -9.57 -1.47
CA ALA A 339 32.36 -9.72 -2.85
C ALA A 339 31.81 -8.61 -3.72
N ALA A 340 30.57 -8.18 -3.47
CA ALA A 340 29.98 -7.10 -4.26
C ALA A 340 30.77 -5.81 -3.98
N ALA A 341 31.18 -5.64 -2.72
CA ALA A 341 31.95 -4.48 -2.31
C ALA A 341 33.35 -4.50 -2.95
N SER A 342 33.90 -5.70 -3.12
CA SER A 342 35.24 -5.88 -3.66
C SER A 342 35.38 -5.46 -5.11
N ARG A 343 34.27 -5.30 -5.81
CA ARG A 343 34.35 -4.87 -7.18
C ARG A 343 33.66 -3.51 -7.35
N HIS A 344 33.58 -2.77 -6.25
CA HIS A 344 32.97 -1.44 -6.26
C HIS A 344 33.65 -0.51 -5.26
N HIS A 345 34.98 -0.54 -5.27
CA HIS A 345 35.78 0.29 -4.38
C HIS A 345 35.32 1.75 -4.45
N GLY A 346 35.25 2.41 -3.30
CA GLY A 346 34.83 3.80 -3.30
C GLY A 346 33.33 4.05 -3.42
N ARG A 347 32.53 3.03 -3.73
CA ARG A 347 31.09 3.23 -3.84
C ARG A 347 30.31 2.35 -2.87
N VAL A 348 30.89 1.25 -2.43
CA VAL A 348 30.23 0.32 -1.53
C VAL A 348 31.10 -0.15 -0.37
N GLY A 349 30.59 -0.01 0.84
CA GLY A 349 31.30 -0.44 2.02
C GLY A 349 30.49 -1.49 2.78
N VAL A 350 31.16 -2.52 3.26
CA VAL A 350 30.48 -3.59 3.99
C VAL A 350 31.26 -3.92 5.27
N ALA A 351 30.54 -3.91 6.38
CA ALA A 351 31.10 -4.20 7.68
C ALA A 351 30.31 -5.36 8.24
N ILE A 352 30.97 -6.52 8.35
CA ILE A 352 30.35 -7.73 8.87
C ILE A 352 30.60 -7.79 10.38
N GLY A 353 29.52 -7.81 11.16
CA GLY A 353 29.67 -7.85 12.59
C GLY A 353 28.58 -7.08 13.33
N TYR A 354 28.88 -6.69 14.56
CA TYR A 354 27.92 -5.96 15.36
C TYR A 354 28.59 -4.67 15.79
N ASN A 355 27.85 -3.58 15.79
CA ASN A 355 28.43 -2.31 16.18
C ASN A 355 27.31 -1.30 16.40
N GLU A 356 26.75 -1.32 17.60
CA GLU A 356 25.68 -0.42 18.00
C GLU A 356 26.02 1.03 17.68
N PRO A 357 27.18 1.53 18.13
CA PRO A 357 27.50 2.93 17.81
C PRO A 357 27.50 3.30 16.33
N LEU A 358 28.06 2.42 15.50
CA LEU A 358 28.12 2.69 14.06
C LEU A 358 26.70 2.71 13.51
N SER A 359 25.85 1.86 14.07
CA SER A 359 24.45 1.76 13.68
C SER A 359 23.73 3.10 13.89
N HIS A 360 24.06 3.79 14.99
CA HIS A 360 23.46 5.08 15.28
C HIS A 360 23.98 6.09 14.27
N LEU A 361 25.29 6.06 14.01
CA LEU A 361 25.87 7.02 13.07
C LEU A 361 25.28 6.82 11.70
N GLN A 363 22.23 5.87 10.82
CA GLN A 363 20.89 6.41 10.75
C GLN A 363 20.98 7.94 10.67
N ALA A 364 22.06 8.48 11.20
CA ALA A 364 22.23 9.92 11.21
C ALA A 364 22.84 10.50 9.96
N GLY A 365 23.61 9.68 9.24
CA GLY A 365 24.28 10.20 8.06
C GLY A 365 23.83 9.68 6.71
N CYS A 366 23.23 8.49 6.67
CA CYS A 366 22.80 7.94 5.39
C CYS A 366 21.51 8.58 4.91
N ASP A 367 21.35 8.71 3.60
CA ASP A 367 20.14 9.32 3.09
C ASP A 367 18.94 8.40 3.13
N ALA A 368 19.19 7.10 3.04
CA ALA A 368 18.08 6.16 3.03
C ALA A 368 18.52 4.78 3.50
N ILE A 369 17.57 4.02 4.02
CA ILE A 369 17.86 2.68 4.48
C ILE A 369 16.93 1.74 3.76
N ILE A 370 17.50 0.66 3.21
CA ILE A 370 16.73 -0.33 2.48
C ILE A 370 16.46 -1.52 3.39
N ILE A 371 15.20 -1.92 3.52
CA ILE A 371 14.79 -3.02 4.39
C ILE A 371 13.80 -3.89 3.59
N PRO A 372 14.32 -4.83 2.77
CA PRO A 372 13.58 -5.76 1.91
C PRO A 372 13.14 -7.07 2.55
N SER A 373 12.77 -7.02 3.82
CA SER A 373 12.39 -8.23 4.55
C SER A 373 11.20 -9.01 3.99
N ARG A 374 11.27 -10.34 4.09
CA ARG A 374 10.19 -11.20 3.65
C ARG A 374 9.36 -11.51 4.90
N PHE A 375 10.04 -11.45 6.05
CA PHE A 375 9.45 -11.72 7.35
C PHE A 375 9.90 -10.64 8.34
N GLU A 376 8.92 -9.92 8.89
CA GLU A 376 9.20 -8.88 9.87
C GLU A 376 7.98 -8.58 10.74
N PRO A 377 7.91 -9.21 11.93
CA PRO A 377 6.78 -9.02 12.88
C PRO A 377 6.46 -7.55 13.13
N CYS A 378 7.49 -6.72 13.27
CA CYS A 378 7.29 -5.30 13.49
C CYS A 378 8.46 -4.52 12.90
N GLY A 379 9.63 -4.68 13.50
CA GLY A 379 10.80 -4.01 12.99
C GLY A 379 11.19 -2.76 13.77
N LEU A 380 12.49 -2.57 13.96
CA LEU A 380 12.99 -1.41 14.67
C LEU A 380 13.72 -0.42 13.78
N THR A 381 14.49 -0.92 12.82
CA THR A 381 15.27 -0.04 11.98
C THR A 381 14.49 1.03 11.21
N GLN A 382 13.28 0.70 10.74
CA GLN A 382 12.52 1.72 10.02
C GLN A 382 12.06 2.82 10.98
N LEU A 383 11.81 2.46 12.24
CA LEU A 383 11.37 3.46 13.22
C LEU A 383 12.50 4.41 13.57
N TYR A 384 13.71 3.90 13.66
CA TYR A 384 14.87 4.73 13.96
C TYR A 384 15.09 5.68 12.78
N ALA A 385 14.96 5.14 11.58
CA ALA A 385 15.15 5.92 10.37
C ALA A 385 14.21 7.12 10.34
N LEU A 386 12.92 6.88 10.57
CA LEU A 386 11.95 7.97 10.59
C LEU A 386 12.39 9.01 11.62
N ARG A 387 12.75 8.52 12.79
CA ARG A 387 13.20 9.36 13.90
C ARG A 387 14.43 10.20 13.53
N TYR A 388 15.36 9.61 12.78
CA TYR A 388 16.60 10.32 12.40
C TYR A 388 16.58 11.03 11.05
N GLY A 389 15.46 10.94 10.34
CA GLY A 389 15.38 11.59 9.06
C GLY A 389 16.08 10.79 7.98
N CYS A 390 16.16 9.47 8.14
CA CYS A 390 16.75 8.60 7.12
C CYS A 390 15.55 8.01 6.42
N ILE A 391 15.41 8.22 5.13
CA ILE A 391 14.24 7.73 4.43
C ILE A 391 14.22 6.21 4.29
N PRO A 392 13.18 5.57 4.86
CA PRO A 392 13.06 4.12 4.78
C PRO A 392 12.47 3.68 3.44
N VAL A 393 13.13 2.70 2.83
CA VAL A 393 12.71 2.10 1.56
C VAL A 393 12.45 0.66 1.99
N VAL A 394 11.17 0.28 2.11
CA VAL A 394 10.86 -1.06 2.60
C VAL A 394 9.87 -1.92 1.84
N ALA A 395 9.95 -3.23 2.10
CA ALA A 395 9.06 -4.22 1.51
C ALA A 395 7.75 -4.16 2.29
N ARG A 396 6.63 -4.37 1.62
CA ARG A 396 5.36 -4.35 2.34
C ARG A 396 5.17 -5.66 3.04
N THR A 397 5.73 -5.78 4.23
CA THR A 397 5.59 -7.02 4.98
C THR A 397 5.53 -6.69 6.46
N GLY A 398 4.68 -7.40 7.20
CA GLY A 398 4.54 -7.16 8.63
C GLY A 398 4.53 -5.68 9.00
N GLY A 399 5.27 -5.36 10.06
CA GLY A 399 5.35 -3.98 10.55
C GLY A 399 5.88 -2.96 9.57
N LEU A 400 6.73 -3.39 8.63
CA LEU A 400 7.28 -2.47 7.63
C LEU A 400 6.11 -1.92 6.82
N ALA A 401 5.07 -2.74 6.62
CA ALA A 401 3.91 -2.31 5.86
C ALA A 401 3.04 -1.28 6.59
N ASP A 402 3.07 -1.33 7.93
CA ASP A 402 2.24 -0.43 8.73
C ASP A 402 2.88 0.85 9.20
N THR A 403 4.20 0.93 9.07
CA THR A 403 4.92 2.07 9.62
C THR A 403 5.48 3.11 8.70
N VAL A 404 5.27 2.93 7.41
CA VAL A 404 5.77 3.84 6.39
C VAL A 404 4.62 4.26 5.48
N ILE A 405 4.56 5.55 5.18
CA ILE A 405 3.50 6.05 4.32
C ILE A 405 4.13 6.21 2.93
N ASP A 406 3.83 5.27 2.03
CA ASP A 406 4.38 5.27 0.69
C ASP A 406 4.17 6.56 -0.06
N ALA A 407 5.20 6.97 -0.80
CA ALA A 407 5.17 8.20 -1.56
C ALA A 407 4.46 8.03 -2.90
N ASN A 408 3.18 7.71 -2.85
CA ASN A 408 2.42 7.58 -4.07
C ASN A 408 1.89 8.97 -4.41
N HIS A 409 1.28 9.10 -5.58
CA HIS A 409 0.76 10.38 -6.03
C HIS A 409 -0.10 11.11 -5.01
N ALA A 410 -0.98 10.37 -4.35
CA ALA A 410 -1.89 10.98 -3.40
C ALA A 410 -1.22 11.47 -2.13
N ALA A 411 -0.22 10.76 -1.64
CA ALA A 411 0.44 11.21 -0.41
C ALA A 411 1.39 12.34 -0.73
N LEU A 412 1.94 12.34 -1.93
CA LEU A 412 2.84 13.39 -2.32
C LEU A 412 2.07 14.69 -2.49
N ALA A 413 0.81 14.58 -2.91
CA ALA A 413 -0.02 15.75 -3.10
C ALA A 413 -0.51 16.35 -1.78
N SER A 414 -0.70 15.51 -0.77
CA SER A 414 -1.14 16.00 0.52
C SER A 414 0.05 16.22 1.44
N LYS A 415 1.24 15.95 0.91
CA LYS A 415 2.51 16.10 1.66
C LYS A 415 2.55 15.19 2.89
N ALA A 416 1.95 14.01 2.80
CA ALA A 416 1.90 13.06 3.91
C ALA A 416 2.87 11.88 3.80
N ALA A 417 3.63 11.80 2.72
CA ALA A 417 4.56 10.70 2.51
C ALA A 417 5.82 10.73 3.39
N THR A 418 6.22 9.56 3.89
CA THR A 418 7.42 9.48 4.73
C THR A 418 8.45 8.56 4.14
N GLY A 419 8.08 7.72 3.18
CA GLY A 419 9.06 6.80 2.62
C GLY A 419 8.63 6.06 1.37
N VAL A 420 9.29 4.95 1.08
CA VAL A 420 8.98 4.15 -0.09
C VAL A 420 8.73 2.70 0.26
N GLN A 421 7.59 2.18 -0.15
CA GLN A 421 7.23 0.78 0.09
C GLN A 421 7.17 0.08 -1.26
N PHE A 422 7.52 -1.20 -1.32
CA PHE A 422 7.45 -1.92 -2.58
C PHE A 422 6.84 -3.27 -2.36
N SER A 423 6.01 -3.70 -3.29
CA SER A 423 5.35 -5.00 -3.19
C SER A 423 5.17 -5.51 -4.61
N PRO A 424 5.44 -6.82 -4.89
CA PRO A 424 5.91 -7.93 -4.04
C PRO A 424 7.37 -7.85 -3.67
N VAL A 425 7.82 -8.70 -2.74
CA VAL A 425 9.21 -8.70 -2.30
C VAL A 425 10.01 -9.56 -3.25
N THR A 426 10.42 -8.94 -4.35
CA THR A 426 11.20 -9.56 -5.40
C THR A 426 12.33 -8.60 -5.77
N LEU A 427 13.34 -9.10 -6.46
CA LEU A 427 14.47 -8.27 -6.85
C LEU A 427 13.99 -7.12 -7.73
N ASP A 428 13.08 -7.40 -8.66
CA ASP A 428 12.59 -6.33 -9.52
C ASP A 428 11.91 -5.25 -8.71
N GLY A 429 11.04 -5.68 -7.80
CA GLY A 429 10.35 -4.73 -6.95
C GLY A 429 11.33 -3.89 -6.15
N LEU A 430 12.41 -4.52 -5.68
CA LEU A 430 13.42 -3.81 -4.91
C LEU A 430 14.13 -2.79 -5.80
N LYS A 431 14.49 -3.20 -7.01
CA LYS A 431 15.17 -2.31 -7.96
C LYS A 431 14.29 -1.10 -8.26
N GLN A 432 13.00 -1.33 -8.51
CA GLN A 432 12.09 -0.23 -8.79
C GLN A 432 11.98 0.70 -7.58
N ALA A 433 11.94 0.14 -6.37
CA ALA A 433 11.88 0.98 -5.17
C ALA A 433 13.13 1.86 -5.13
N ILE A 434 14.29 1.26 -5.41
CA ILE A 434 15.53 1.99 -5.40
C ILE A 434 15.52 3.15 -6.43
N ARG A 435 15.05 2.90 -7.64
CA ARG A 435 15.00 3.95 -8.66
C ARG A 435 14.07 5.06 -8.20
N ARG A 436 12.95 4.68 -7.60
CA ARG A 436 12.03 5.67 -7.11
C ARG A 436 12.73 6.58 -6.09
N THR A 437 13.46 5.96 -5.19
CA THR A 437 14.16 6.70 -4.16
C THR A 437 15.18 7.65 -4.73
N VAL A 438 15.93 7.20 -5.73
CA VAL A 438 16.92 8.08 -6.34
C VAL A 438 16.23 9.31 -6.96
N ARG A 439 15.13 9.09 -7.69
CA ARG A 439 14.37 10.17 -8.30
C ARG A 439 13.93 11.18 -7.25
N TYR A 440 13.44 10.68 -6.12
CA TYR A 440 12.99 11.57 -5.05
C TYR A 440 14.14 12.32 -4.41
N TYR A 441 15.28 11.65 -4.29
CA TYR A 441 16.46 12.29 -3.71
C TYR A 441 16.82 13.53 -4.53
N HIS A 442 16.70 13.43 -5.85
CA HIS A 442 17.03 14.54 -6.72
C HIS A 442 15.98 15.64 -6.79
N ASP A 443 15.01 15.57 -5.89
CA ASP A 443 13.96 16.58 -5.76
C ASP A 443 14.08 17.07 -4.30
N PRO A 444 15.08 17.93 -4.02
CA PRO A 444 15.35 18.49 -2.69
C PRO A 444 14.14 18.89 -1.87
N LYS A 445 13.30 19.78 -2.40
CA LYS A 445 12.12 20.21 -1.65
C LYS A 445 11.33 19.01 -1.13
N LEU A 446 11.01 18.07 -2.01
CA LEU A 446 10.26 16.90 -1.60
C LEU A 446 11.02 16.07 -0.54
N TRP A 447 12.29 15.81 -0.80
CA TRP A 447 13.08 14.99 0.13
C TRP A 447 13.13 15.50 1.56
N THR A 448 13.51 16.77 1.74
CA THR A 448 13.57 17.32 3.09
C THR A 448 12.18 17.31 3.73
N GLN A 449 11.14 17.48 2.91
CA GLN A 449 9.76 17.47 3.39
C GLN A 449 9.42 16.14 4.02
N GLN A 451 11.63 13.95 5.17
CA GLN A 451 12.47 13.79 6.34
C GLN A 451 11.77 14.43 7.55
N LYS A 452 11.39 15.70 7.42
CA LYS A 452 10.73 16.44 8.49
C LYS A 452 9.45 15.78 8.96
N LEU A 453 8.63 15.30 8.04
CA LEU A 453 7.40 14.62 8.44
C LEU A 453 7.80 13.35 9.21
N GLY A 454 8.74 12.59 8.65
CA GLY A 454 9.17 11.36 9.30
C GLY A 454 9.62 11.57 10.74
N LYS A 456 8.77 13.63 12.91
CA LYS A 456 7.74 14.01 13.85
C LYS A 456 6.88 12.81 14.20
N SER A 457 7.14 11.68 13.55
CA SER A 457 6.35 10.47 13.82
C SER A 457 6.46 10.05 15.28
N ASP A 458 5.33 9.77 15.93
CA ASP A 458 5.38 9.33 17.32
C ASP A 458 5.62 7.83 17.33
N VAL A 459 6.87 7.45 17.58
CA VAL A 459 7.28 6.05 17.59
C VAL A 459 7.71 5.58 18.98
N SER A 460 7.28 6.32 19.99
CA SER A 460 7.60 6.01 21.39
C SER A 460 6.78 4.88 21.96
N TRP A 461 7.31 4.22 22.98
CA TRP A 461 6.59 3.15 23.61
C TRP A 461 5.31 3.68 24.23
N GLU A 462 5.33 4.93 24.64
CA GLU A 462 4.16 5.54 25.26
C GLU A 462 2.98 5.52 24.29
N LYS A 463 3.22 5.80 23.03
CA LYS A 463 2.16 5.76 22.02
C LYS A 463 1.55 4.35 21.93
N SER A 464 2.39 3.33 21.86
CA SER A 464 1.91 1.94 21.76
C SER A 464 1.14 1.57 23.01
N ALA A 465 1.72 1.88 24.15
CA ALA A 465 1.12 1.57 25.44
C ALA A 465 -0.33 2.02 25.43
N GLY A 466 -0.59 3.20 24.86
CA GLY A 466 -1.95 3.70 24.80
C GLY A 466 -2.88 2.72 24.12
N LEU A 467 -2.43 2.14 23.01
CA LEU A 467 -3.26 1.18 22.30
C LEU A 467 -3.49 -0.04 23.17
N TYR A 468 -2.45 -0.47 23.87
CA TYR A 468 -2.56 -1.61 24.77
C TYR A 468 -3.55 -1.28 25.88
N ALA A 469 -3.37 -0.12 26.53
CA ALA A 469 -4.27 0.27 27.61
C ALA A 469 -5.71 0.26 27.10
N ALA A 470 -5.92 0.78 25.90
CA ALA A 470 -7.27 0.80 25.36
C ALA A 470 -7.84 -0.61 25.30
N LEU A 471 -7.05 -1.55 24.79
CA LEU A 471 -7.48 -2.95 24.68
C LEU A 471 -7.75 -3.54 26.07
N TYR A 472 -6.89 -3.23 27.04
CA TYR A 472 -7.08 -3.70 28.41
C TYR A 472 -8.47 -3.26 28.92
N SER A 473 -8.81 -1.99 28.66
CA SER A 473 -10.09 -1.47 29.10
C SER A 473 -11.29 -2.22 28.54
N GLN A 474 -11.26 -2.52 27.25
CA GLN A 474 -12.35 -3.26 26.64
C GLN A 474 -12.38 -4.67 27.23
N LEU A 475 -11.20 -5.26 27.44
CA LEU A 475 -11.13 -6.61 27.99
C LEU A 475 -11.76 -6.73 29.38
N ILE A 476 -11.47 -5.77 30.25
CA ILE A 476 -12.07 -5.83 31.56
C ILE A 476 -13.50 -5.31 31.41
N SER A 477 -13.94 -5.25 30.15
CA SER A 477 -15.28 -4.82 29.75
C SER A 477 -15.72 -3.52 30.39
N ASN B 2 0.84 27.28 -27.28
CA ASN B 2 -0.14 26.75 -28.22
C ASN B 2 0.08 25.27 -28.46
N VAL B 3 -0.97 24.49 -28.26
CA VAL B 3 -0.89 23.05 -28.42
C VAL B 3 -1.92 22.47 -29.36
N LEU B 4 -1.43 21.71 -30.35
CA LEU B 4 -2.32 21.04 -31.29
C LEU B 4 -2.60 19.67 -30.67
N SER B 5 -3.84 19.40 -30.34
CA SER B 5 -4.20 18.11 -29.77
C SER B 5 -4.80 17.36 -30.93
N VAL B 6 -4.59 16.05 -30.96
CA VAL B 6 -5.09 15.21 -32.05
C VAL B 6 -5.77 13.98 -31.46
N SER B 7 -6.98 13.71 -31.90
CA SER B 7 -7.74 12.56 -31.41
C SER B 7 -8.89 12.25 -32.36
N SER B 8 -9.31 10.99 -32.37
CA SER B 8 -10.42 10.56 -33.23
C SER B 8 -11.78 10.75 -32.55
N GLU B 9 -11.78 11.18 -31.29
CA GLU B 9 -13.04 11.41 -30.61
C GLU B 9 -12.91 12.40 -29.47
N ILE B 10 -14.02 13.04 -29.12
CA ILE B 10 -13.99 14.03 -28.05
C ILE B 10 -15.39 14.31 -27.54
N TYR B 11 -15.51 14.30 -26.21
CA TYR B 11 -16.79 14.57 -25.55
C TYR B 11 -16.99 16.08 -25.57
N PRO B 12 -18.23 16.54 -25.82
CA PRO B 12 -19.49 15.84 -26.08
C PRO B 12 -19.81 15.47 -27.51
N LEU B 13 -18.97 15.86 -28.45
CA LEU B 13 -19.28 15.56 -29.85
C LEU B 13 -19.46 14.08 -30.16
N ILE B 14 -18.39 13.30 -30.03
CA ILE B 14 -18.48 11.87 -30.33
C ILE B 14 -17.65 11.12 -29.33
N LYS B 15 -18.21 10.03 -28.82
CA LYS B 15 -17.55 9.22 -27.80
C LYS B 15 -17.87 7.73 -27.86
N THR B 16 -16.85 6.90 -27.61
CA THR B 16 -17.02 5.45 -27.61
C THR B 16 -16.40 4.89 -26.35
N GLY B 17 -15.69 5.74 -25.64
CA GLY B 17 -15.05 5.31 -24.41
C GLY B 17 -14.36 6.46 -23.72
N GLY B 18 -13.65 6.13 -22.64
CA GLY B 18 -12.96 7.11 -21.83
C GLY B 18 -12.08 8.07 -22.58
N LEU B 19 -11.50 7.63 -23.69
CA LEU B 19 -10.63 8.50 -24.49
C LEU B 19 -11.28 9.87 -24.73
N ALA B 20 -12.55 9.86 -25.11
CA ALA B 20 -13.30 11.09 -25.38
C ALA B 20 -13.39 12.01 -24.18
N ASP B 21 -13.62 11.43 -23.01
CA ASP B 21 -13.73 12.21 -21.80
C ASP B 21 -12.44 12.95 -21.48
N VAL B 22 -11.29 12.30 -21.68
CA VAL B 22 -10.05 12.99 -21.37
C VAL B 22 -9.74 14.07 -22.39
N VAL B 23 -9.93 13.74 -23.68
CA VAL B 23 -9.64 14.70 -24.73
C VAL B 23 -10.58 15.89 -24.66
N GLY B 24 -11.77 15.68 -24.15
CA GLY B 24 -12.72 16.78 -24.11
C GLY B 24 -12.63 17.65 -22.87
N ALA B 25 -12.03 17.13 -21.80
CA ALA B 25 -11.93 17.86 -20.54
C ALA B 25 -10.61 18.56 -20.31
N LEU B 26 -9.53 17.90 -20.72
CA LEU B 26 -8.19 18.43 -20.51
C LEU B 26 -7.89 19.79 -21.14
N PRO B 27 -8.33 20.02 -22.39
CA PRO B 27 -8.07 21.32 -23.04
C PRO B 27 -8.70 22.45 -22.24
N ILE B 28 -9.91 22.22 -21.76
CA ILE B 28 -10.60 23.22 -20.99
C ILE B 28 -9.80 23.50 -19.68
N ALA B 29 -9.48 22.45 -18.95
CA ALA B 29 -8.74 22.59 -17.70
C ALA B 29 -7.38 23.26 -17.89
N LEU B 30 -6.76 23.07 -19.06
CA LEU B 30 -5.47 23.67 -19.35
C LEU B 30 -5.53 25.19 -19.57
N GLU B 31 -6.70 25.69 -19.94
CA GLU B 31 -6.84 27.12 -20.17
C GLU B 31 -6.54 27.89 -18.88
N ALA B 32 -6.87 27.30 -17.75
CA ALA B 32 -6.61 27.92 -16.46
C ALA B 32 -5.13 27.84 -16.12
N HIS B 33 -4.32 27.35 -17.07
CA HIS B 33 -2.89 27.20 -16.87
C HIS B 33 -2.09 27.92 -17.96
N GLY B 34 -2.79 28.77 -18.71
CA GLY B 34 -2.16 29.55 -19.74
C GLY B 34 -1.80 28.75 -20.97
N VAL B 35 -2.64 27.79 -21.34
CA VAL B 35 -2.34 26.98 -22.50
C VAL B 35 -3.51 26.99 -23.46
N ARG B 36 -3.23 27.30 -24.71
CA ARG B 36 -4.27 27.29 -25.72
C ARG B 36 -4.19 25.95 -26.42
N THR B 37 -5.30 25.24 -26.47
CA THR B 37 -5.35 23.95 -27.13
C THR B 37 -6.39 23.94 -28.22
N ARG B 38 -5.99 23.50 -29.40
CA ARG B 38 -6.89 23.39 -30.53
C ARG B 38 -6.86 21.90 -30.82
N THR B 39 -8.02 21.27 -30.81
CA THR B 39 -8.10 19.83 -31.06
C THR B 39 -8.52 19.56 -32.50
N LEU B 40 -7.77 18.68 -33.17
CA LEU B 40 -8.05 18.31 -34.54
C LEU B 40 -8.83 17.01 -34.47
N ILE B 41 -10.04 17.02 -35.00
CA ILE B 41 -10.87 15.84 -34.97
C ILE B 41 -11.52 15.60 -36.33
N PRO B 42 -11.82 14.33 -36.65
CA PRO B 42 -12.46 13.95 -37.92
C PRO B 42 -13.81 14.65 -38.06
N GLY B 43 -14.19 14.95 -39.30
CA GLY B 43 -15.46 15.59 -39.55
C GLY B 43 -16.58 14.59 -39.72
N TYR B 44 -16.78 13.75 -38.71
CA TYR B 44 -17.84 12.75 -38.78
C TYR B 44 -19.18 13.45 -38.99
N PRO B 45 -20.17 12.75 -39.55
CA PRO B 45 -21.44 13.43 -39.73
C PRO B 45 -21.90 14.06 -38.42
N ALA B 46 -21.88 13.28 -37.36
CA ALA B 46 -22.30 13.75 -36.05
C ALA B 46 -21.57 15.01 -35.61
N VAL B 47 -20.29 15.13 -35.93
CA VAL B 47 -19.53 16.30 -35.54
C VAL B 47 -20.04 17.52 -36.29
N LYS B 48 -20.01 17.46 -37.62
CA LYS B 48 -20.46 18.56 -38.45
C LYS B 48 -21.81 19.12 -38.01
N ALA B 49 -22.82 18.25 -37.99
CA ALA B 49 -24.17 18.66 -37.62
C ALA B 49 -24.34 19.27 -36.24
N ALA B 50 -23.44 18.95 -35.31
CA ALA B 50 -23.52 19.48 -33.95
C ALA B 50 -22.92 20.88 -33.85
N VAL B 51 -21.87 21.13 -34.61
CA VAL B 51 -21.20 22.41 -34.61
C VAL B 51 -22.03 23.53 -35.21
N THR B 52 -21.86 24.72 -34.65
CA THR B 52 -22.58 25.91 -35.11
C THR B 52 -21.68 26.90 -35.86
N ASP B 53 -21.99 27.06 -37.14
CA ASP B 53 -21.31 27.97 -38.05
C ASP B 53 -19.79 27.96 -38.09
N PRO B 54 -19.21 26.97 -38.77
CA PRO B 54 -17.79 26.72 -38.97
C PRO B 54 -17.12 27.75 -39.87
N VAL B 55 -15.82 27.58 -40.09
CA VAL B 55 -15.03 28.48 -40.93
C VAL B 55 -13.93 27.72 -41.67
N LYS B 56 -14.07 27.57 -42.99
CA LYS B 56 -13.04 26.89 -43.77
C LYS B 56 -11.84 27.79 -43.54
N CYS B 57 -10.69 27.22 -43.20
CA CYS B 57 -9.49 28.01 -42.95
C CYS B 57 -8.26 27.43 -43.65
N PHE B 58 -8.43 26.27 -44.25
CA PHE B 58 -7.35 25.64 -45.02
C PHE B 58 -7.98 24.66 -46.03
N GLU B 59 -7.14 24.06 -46.87
CA GLU B 59 -7.62 23.22 -47.96
C GLU B 59 -6.52 22.28 -48.41
N PHE B 60 -6.61 21.06 -47.90
CA PHE B 60 -5.62 20.08 -48.23
C PHE B 60 -5.93 19.53 -49.59
N THR B 61 -5.00 19.71 -50.52
CA THR B 61 -5.16 19.18 -51.87
C THR B 61 -4.88 17.67 -51.97
N ASP B 62 -3.92 17.16 -51.19
CA ASP B 62 -3.59 15.73 -51.24
C ASP B 62 -3.25 15.06 -49.91
N LEU B 63 -4.26 14.46 -49.28
CA LEU B 63 -4.11 13.72 -48.01
C LEU B 63 -4.21 12.24 -48.34
N LEU B 64 -3.08 11.62 -48.63
CA LEU B 64 -3.06 10.22 -49.00
C LEU B 64 -4.03 10.03 -50.16
N GLY B 65 -3.97 10.96 -51.12
CA GLY B 65 -4.81 10.89 -52.30
C GLY B 65 -6.23 11.42 -52.18
N GLU B 66 -6.50 12.23 -51.17
CA GLU B 66 -7.84 12.76 -51.00
C GLU B 66 -7.84 14.22 -50.61
N LYS B 67 -8.93 14.92 -50.93
CA LYS B 67 -9.05 16.34 -50.63
C LYS B 67 -9.78 16.56 -49.31
N ALA B 68 -9.41 17.61 -48.58
CA ALA B 68 -10.05 17.90 -47.31
C ALA B 68 -9.97 19.36 -46.92
N ASP B 69 -11.08 19.89 -46.39
CA ASP B 69 -11.15 21.27 -45.94
C ASP B 69 -10.97 21.30 -44.42
N LEU B 70 -10.19 22.26 -43.94
CA LEU B 70 -9.98 22.38 -42.49
C LEU B 70 -10.93 23.43 -41.91
N LEU B 71 -11.91 22.97 -41.15
CA LEU B 71 -12.89 23.88 -40.54
C LEU B 71 -12.48 24.27 -39.12
N GLU B 72 -12.59 25.54 -38.76
CA GLU B 72 -12.26 25.95 -37.40
C GLU B 72 -13.52 26.51 -36.75
N VAL B 73 -13.86 25.97 -35.56
CA VAL B 73 -15.04 26.42 -34.84
C VAL B 73 -14.89 26.25 -33.34
N GLN B 74 -15.78 26.94 -32.61
CA GLN B 74 -15.83 26.87 -31.16
C GLN B 74 -17.10 26.08 -30.86
N HIS B 75 -17.03 25.19 -29.88
CA HIS B 75 -18.20 24.40 -29.53
C HIS B 75 -18.21 24.05 -28.05
N GLU B 76 -19.31 24.35 -27.40
CA GLU B 76 -19.26 24.18 -25.97
C GLU B 76 -17.94 24.97 -25.67
N ARG B 77 -17.02 24.54 -24.86
CA ARG B 77 -15.89 25.45 -24.66
C ARG B 77 -14.63 24.99 -25.35
N LEU B 78 -14.79 24.26 -26.45
CA LEU B 78 -13.65 23.71 -27.14
C LEU B 78 -13.17 24.46 -28.35
N ASP B 79 -11.87 24.68 -28.47
CA ASP B 79 -11.25 25.35 -29.63
C ASP B 79 -11.01 24.22 -30.63
N LEU B 80 -11.97 23.99 -31.54
CA LEU B 80 -11.87 22.92 -32.52
C LEU B 80 -11.35 23.23 -33.93
N LEU B 81 -10.85 22.20 -34.58
CA LEU B 81 -10.35 22.23 -35.96
C LEU B 81 -10.91 20.93 -36.50
N ILE B 82 -11.83 21.01 -37.45
CA ILE B 82 -12.46 19.82 -38.00
C ILE B 82 -11.93 19.50 -39.38
N LEU B 83 -11.41 18.29 -39.54
CA LEU B 83 -10.86 17.86 -40.84
C LEU B 83 -11.97 17.30 -41.68
N ASP B 84 -12.56 18.14 -42.53
CA ASP B 84 -13.67 17.70 -43.38
C ASP B 84 -13.18 16.93 -44.61
N ALA B 85 -13.02 15.62 -44.45
CA ALA B 85 -12.58 14.75 -45.54
C ALA B 85 -13.70 13.75 -45.80
N PRO B 86 -14.68 14.14 -46.63
CA PRO B 86 -15.82 13.31 -46.99
C PRO B 86 -15.43 11.88 -47.38
N ALA B 87 -14.37 11.76 -48.16
CA ALA B 87 -13.94 10.44 -48.62
C ALA B 87 -13.64 9.51 -47.43
N TYR B 88 -13.14 10.08 -46.33
CA TYR B 88 -12.81 9.28 -45.16
C TYR B 88 -13.86 9.22 -44.06
N TYR B 89 -14.41 10.37 -43.71
CA TYR B 89 -15.36 10.45 -42.61
C TYR B 89 -16.85 10.50 -42.90
N GLU B 90 -17.23 10.86 -44.12
CA GLU B 90 -18.66 10.95 -44.44
C GLU B 90 -19.27 9.56 -44.60
N ARG B 91 -19.68 8.96 -43.48
CA ARG B 91 -20.26 7.63 -43.49
C ARG B 91 -21.17 7.42 -42.30
N SER B 92 -22.01 6.40 -42.44
CA SER B 92 -22.95 5.99 -41.42
C SER B 92 -22.26 5.98 -40.06
N GLY B 93 -22.94 6.44 -39.04
CA GLY B 93 -22.38 6.44 -37.70
C GLY B 93 -21.43 5.30 -37.40
N GLY B 94 -20.68 5.48 -36.32
CA GLY B 94 -19.70 4.48 -35.93
C GLY B 94 -18.38 5.05 -36.40
N PRO B 95 -17.71 5.82 -35.55
CA PRO B 95 -16.43 6.38 -35.98
C PRO B 95 -15.40 5.32 -36.40
N TYR B 96 -15.57 4.07 -35.95
CA TYR B 96 -14.62 3.01 -36.28
C TYR B 96 -15.27 1.79 -36.90
N LEU B 97 -16.49 1.51 -36.49
CA LEU B 97 -17.22 0.36 -37.00
C LEU B 97 -18.28 0.75 -38.01
N GLY B 98 -18.43 -0.09 -39.04
CA GLY B 98 -19.42 0.17 -40.06
C GLY B 98 -20.80 -0.25 -39.61
N GLN B 99 -21.80 0.09 -40.41
CA GLN B 99 -23.18 -0.23 -40.11
C GLN B 99 -23.41 -1.68 -39.70
N THR B 100 -22.57 -2.58 -40.18
CA THR B 100 -22.69 -3.99 -39.85
C THR B 100 -21.97 -4.33 -38.55
N GLY B 101 -21.10 -3.43 -38.10
CA GLY B 101 -20.39 -3.68 -36.86
C GLY B 101 -18.95 -4.13 -36.96
N LYS B 102 -18.37 -4.03 -38.16
CA LYS B 102 -16.98 -4.42 -38.37
C LYS B 102 -16.19 -3.18 -38.75
N ASP B 103 -14.92 -3.17 -38.39
CA ASP B 103 -14.07 -2.02 -38.70
C ASP B 103 -14.09 -1.71 -40.18
N TYR B 104 -14.11 -0.43 -40.53
CA TYR B 104 -14.05 -0.05 -41.93
C TYR B 104 -12.70 -0.61 -42.32
N PRO B 105 -12.63 -1.41 -43.40
CA PRO B 105 -11.34 -1.98 -43.83
C PRO B 105 -10.43 -0.82 -44.16
N ASP B 106 -11.05 0.34 -44.18
CA ASP B 106 -10.49 1.63 -44.53
C ASP B 106 -9.88 2.40 -43.34
N ASN B 107 -10.01 1.85 -42.13
CA ASN B 107 -9.51 2.55 -40.95
C ASN B 107 -8.07 3.04 -40.96
N TRP B 108 -7.15 2.21 -41.44
CA TRP B 108 -5.76 2.63 -41.47
C TRP B 108 -5.62 3.94 -42.25
N LYS B 109 -6.30 4.03 -43.37
CA LYS B 109 -6.18 5.24 -44.18
C LYS B 109 -6.85 6.44 -43.52
N ARG B 110 -8.07 6.26 -43.04
CA ARG B 110 -8.79 7.35 -42.42
C ARG B 110 -8.03 8.03 -41.27
N PHE B 111 -7.34 7.25 -40.44
CA PHE B 111 -6.63 7.87 -39.34
C PHE B 111 -5.20 8.26 -39.66
N ALA B 112 -4.67 7.70 -40.73
CA ALA B 112 -3.33 8.06 -41.15
C ALA B 112 -3.50 9.46 -41.74
N ALA B 113 -4.66 9.70 -42.34
CA ALA B 113 -4.98 10.99 -42.96
C ALA B 113 -5.05 12.06 -41.89
N LEU B 114 -5.78 11.75 -40.81
CA LEU B 114 -5.93 12.65 -39.70
C LEU B 114 -4.55 13.05 -39.17
N SER B 115 -3.67 12.05 -39.03
CA SER B 115 -2.34 12.30 -38.51
C SER B 115 -1.47 13.12 -39.46
N LEU B 116 -1.65 12.89 -40.76
CA LEU B 116 -0.87 13.62 -41.74
C LEU B 116 -1.26 15.09 -41.66
N ALA B 117 -2.56 15.37 -41.70
CA ALA B 117 -3.05 16.75 -41.60
C ALA B 117 -2.47 17.39 -40.34
N ALA B 118 -2.45 16.64 -39.25
CA ALA B 118 -1.92 17.16 -38.01
C ALA B 118 -0.44 17.52 -38.19
N ALA B 119 0.31 16.63 -38.82
CA ALA B 119 1.74 16.85 -39.03
C ALA B 119 2.02 18.10 -39.85
N ARG B 120 1.22 18.33 -40.88
CA ARG B 120 1.42 19.51 -41.69
C ARG B 120 1.09 20.74 -40.84
N ILE B 121 0.02 20.66 -40.08
CA ILE B 121 -0.33 21.79 -39.21
C ILE B 121 0.87 22.01 -38.29
N GLY B 122 1.50 20.92 -37.89
CA GLY B 122 2.66 21.01 -37.02
C GLY B 122 3.84 21.66 -37.75
N ALA B 123 3.89 21.48 -39.07
CA ALA B 123 4.95 22.06 -39.88
C ALA B 123 4.70 23.56 -40.09
N GLY B 124 3.46 24.01 -39.91
CA GLY B 124 3.15 25.42 -40.09
C GLY B 124 2.24 25.66 -41.28
N VAL B 125 1.85 24.60 -41.98
CA VAL B 125 1.03 24.79 -43.17
C VAL B 125 -0.19 25.68 -42.93
N LEU B 126 -0.41 26.10 -41.68
CA LEU B 126 -1.62 26.85 -41.39
C LEU B 126 -1.43 28.26 -41.03
N PRO B 127 -1.93 29.08 -41.90
CA PRO B 127 -1.84 30.51 -41.72
C PRO B 127 -2.50 31.02 -40.45
N GLY B 128 -1.82 31.92 -39.74
CA GLY B 128 -2.43 32.45 -38.54
C GLY B 128 -2.19 31.60 -37.30
N TRP B 129 -1.73 30.36 -37.48
CA TRP B 129 -1.49 29.52 -36.33
C TRP B 129 -0.57 28.30 -36.52
N ARG B 130 0.44 28.21 -35.65
CA ARG B 130 1.41 27.12 -35.66
C ARG B 130 1.62 26.71 -34.21
N PRO B 131 1.35 25.42 -33.90
CA PRO B 131 1.48 24.84 -32.56
C PRO B 131 2.91 24.87 -32.05
N ASP B 132 3.08 24.97 -30.74
CA ASP B 132 4.41 24.92 -30.16
C ASP B 132 4.72 23.42 -30.05
N VAL B 134 2.62 19.15 -30.36
CA VAL B 134 1.45 18.34 -30.64
C VAL B 134 1.23 17.35 -29.49
N HIS B 135 -0.03 17.17 -29.09
CA HIS B 135 -0.36 16.20 -28.05
C HIS B 135 -1.31 15.25 -28.74
N ALA B 136 -0.81 14.08 -29.10
CA ALA B 136 -1.64 13.10 -29.80
C ALA B 136 -2.21 12.10 -28.82
N HIS B 137 -3.42 11.62 -29.10
CA HIS B 137 -4.09 10.66 -28.23
C HIS B 137 -4.45 9.34 -28.93
N ASP B 138 -3.95 8.24 -28.37
CA ASP B 138 -4.19 6.89 -28.87
C ASP B 138 -3.71 6.54 -30.28
N TRP B 139 -3.95 5.30 -30.68
CA TRP B 139 -3.47 4.82 -31.95
C TRP B 139 -3.91 5.61 -33.16
N GLN B 140 -5.14 6.14 -33.14
CA GLN B 140 -5.63 6.90 -34.30
C GLN B 140 -4.82 8.15 -34.62
N ALA B 141 -4.13 8.69 -33.63
CA ALA B 141 -3.34 9.90 -33.84
C ALA B 141 -1.85 9.68 -33.66
N ALA B 142 -1.47 8.46 -33.30
CA ALA B 142 -0.05 8.14 -33.09
C ALA B 142 0.85 8.34 -34.32
N THR B 144 0.99 10.84 -36.07
CA THR B 144 1.38 12.23 -36.17
C THR B 144 2.89 12.49 -36.03
N PRO B 145 3.52 11.98 -34.95
CA PRO B 145 4.95 12.19 -34.77
C PRO B 145 5.71 11.43 -35.87
N VAL B 146 5.13 10.32 -36.32
CA VAL B 146 5.76 9.53 -37.38
C VAL B 146 5.91 10.38 -38.63
N TYR B 147 4.80 10.95 -39.09
CA TYR B 147 4.82 11.79 -40.27
C TYR B 147 5.74 12.96 -40.04
N ARG B 149 8.25 13.03 -38.19
CA ARG B 149 9.64 12.59 -38.11
C ARG B 149 10.28 12.44 -39.48
N TYR B 150 9.54 11.88 -40.43
CA TYR B 150 10.01 11.64 -41.78
C TYR B 150 9.74 12.77 -42.76
N ALA B 151 9.08 13.82 -42.29
CA ALA B 151 8.78 14.95 -43.16
C ALA B 151 10.04 15.79 -43.25
N GLU B 152 10.19 16.51 -44.35
CA GLU B 152 11.36 17.35 -44.59
C GLU B 152 11.58 18.35 -43.44
N THR B 153 10.50 19.02 -43.04
CA THR B 153 10.53 20.02 -41.97
C THR B 153 10.87 19.42 -40.62
N PRO B 154 11.84 20.02 -39.91
CA PRO B 154 12.13 19.40 -38.61
C PRO B 154 10.86 19.48 -37.72
N GLU B 155 10.60 18.37 -37.03
CA GLU B 155 9.47 18.23 -36.15
C GLU B 155 9.49 19.16 -34.92
N ILE B 156 8.30 19.47 -34.41
CA ILE B 156 8.15 20.25 -33.19
C ILE B 156 7.98 19.17 -32.12
N PRO B 157 8.03 19.54 -30.84
CA PRO B 157 7.88 18.50 -29.81
C PRO B 157 6.52 17.80 -29.84
N SER B 158 6.52 16.50 -29.53
CA SER B 158 5.27 15.75 -29.51
C SER B 158 5.14 14.89 -28.25
N LEU B 159 3.93 14.86 -27.71
CA LEU B 159 3.63 14.05 -26.54
C LEU B 159 2.57 13.05 -27.02
N LEU B 160 2.79 11.77 -26.76
CA LEU B 160 1.83 10.77 -27.17
C LEU B 160 1.30 10.10 -25.93
N THR B 161 0.00 10.20 -25.74
CA THR B 161 -0.63 9.60 -24.58
C THR B 161 -1.36 8.33 -24.99
N ILE B 162 -1.20 7.29 -24.19
CA ILE B 162 -1.85 6.02 -24.42
C ILE B 162 -3.01 5.89 -23.48
N HIS B 163 -4.19 5.63 -24.03
CA HIS B 163 -5.38 5.43 -23.24
C HIS B 163 -5.75 3.95 -23.32
N ASN B 164 -5.75 3.41 -24.53
CA ASN B 164 -6.09 2.02 -24.75
C ASN B 164 -4.95 1.30 -25.42
N ILE B 165 -4.02 0.80 -24.61
CA ILE B 165 -2.86 0.11 -25.14
C ILE B 165 -3.17 -1.19 -25.89
N ALA B 166 -4.39 -1.70 -25.76
CA ALA B 166 -4.77 -2.92 -26.46
C ALA B 166 -5.08 -2.62 -27.94
N PHE B 167 -5.40 -1.37 -28.25
CA PHE B 167 -5.71 -0.97 -29.63
C PHE B 167 -4.47 -0.27 -30.16
N GLN B 168 -3.75 -0.97 -31.04
CA GLN B 168 -2.48 -0.50 -31.56
C GLN B 168 -2.33 -0.12 -33.04
N GLY B 169 -3.44 -0.05 -33.78
CA GLY B 169 -3.33 0.29 -35.19
C GLY B 169 -2.42 -0.68 -35.92
N GLN B 170 -2.68 -1.98 -35.79
CA GLN B 170 -1.84 -2.96 -36.46
C GLN B 170 -2.49 -3.34 -37.79
N PHE B 171 -1.73 -3.17 -38.87
CA PHE B 171 -2.25 -3.47 -40.20
C PHE B 171 -1.32 -4.28 -41.07
N GLY B 172 -1.89 -4.87 -42.11
CA GLY B 172 -1.09 -5.65 -43.05
C GLY B 172 -0.04 -4.72 -43.65
N ALA B 173 1.16 -5.22 -43.89
CA ALA B 173 2.22 -4.40 -44.43
C ALA B 173 1.91 -3.91 -45.85
N ASN B 174 0.94 -4.53 -46.53
CA ASN B 174 0.62 -4.13 -47.89
C ASN B 174 0.07 -2.72 -48.00
N ILE B 175 -0.25 -2.09 -46.87
CA ILE B 175 -0.76 -0.71 -46.95
C ILE B 175 0.40 0.28 -46.94
N PHE B 176 1.60 -0.20 -46.63
CA PHE B 176 2.73 0.72 -46.51
C PHE B 176 2.96 1.69 -47.66
N SER B 177 2.95 1.19 -48.90
CA SER B 177 3.19 2.05 -50.06
C SER B 177 2.13 3.14 -50.20
N LYS B 178 1.04 3.01 -49.45
CA LYS B 178 -0.04 4.00 -49.52
C LYS B 178 0.03 5.03 -48.40
N LEU B 179 0.98 4.87 -47.49
CA LEU B 179 1.10 5.79 -46.35
C LEU B 179 1.86 7.07 -46.60
N ALA B 180 2.46 7.19 -47.79
CA ALA B 180 3.21 8.39 -48.14
C ALA B 180 4.37 8.57 -47.19
N LEU B 181 5.16 7.52 -47.04
CA LEU B 181 6.31 7.55 -46.15
C LEU B 181 7.54 7.02 -46.85
N PRO B 182 8.73 7.53 -46.50
CA PRO B 182 9.95 7.04 -47.15
C PRO B 182 10.10 5.55 -46.82
N ALA B 183 10.74 4.80 -47.70
CA ALA B 183 10.93 3.37 -47.48
C ALA B 183 11.54 3.00 -46.12
N HIS B 184 12.53 3.78 -45.66
CA HIS B 184 13.17 3.44 -44.39
C HIS B 184 12.31 3.60 -43.15
N ALA B 185 11.11 4.14 -43.34
CA ALA B 185 10.17 4.31 -42.23
C ALA B 185 9.67 2.92 -41.85
N PHE B 186 9.85 1.94 -42.73
CA PHE B 186 9.41 0.60 -42.40
C PHE B 186 10.56 -0.24 -41.88
N GLY B 187 10.91 -0.01 -40.62
CA GLY B 187 11.99 -0.72 -39.97
C GLY B 187 11.88 -0.55 -38.46
N GLU B 189 13.30 1.29 -36.26
CA GLU B 189 13.19 2.68 -35.79
C GLU B 189 11.88 3.34 -36.21
N GLY B 190 11.11 2.68 -37.07
CA GLY B 190 9.86 3.29 -37.51
C GLY B 190 8.59 2.56 -37.13
N ILE B 191 7.75 2.29 -38.13
CA ILE B 191 6.48 1.63 -37.89
C ILE B 191 6.40 0.12 -38.09
N GLU B 192 7.52 -0.54 -38.33
CA GLU B 192 7.49 -1.99 -38.50
C GLU B 192 7.32 -2.66 -37.14
N TYR B 193 6.46 -3.67 -37.09
CA TYR B 193 6.16 -4.39 -35.86
C TYR B 193 5.82 -5.83 -36.24
N TYR B 194 6.78 -6.74 -36.06
CA TYR B 194 6.58 -8.14 -36.43
C TYR B 194 6.18 -8.24 -37.91
N ASN B 195 6.79 -7.35 -38.71
CA ASN B 195 6.60 -7.23 -40.16
C ASN B 195 5.25 -6.69 -40.61
N ASP B 196 4.46 -6.19 -39.65
CA ASP B 196 3.19 -5.58 -40.01
C ASP B 196 3.43 -4.09 -39.78
N VAL B 197 2.40 -3.29 -40.01
CA VAL B 197 2.48 -1.86 -39.75
C VAL B 197 1.78 -1.65 -38.39
N SER B 198 2.34 -0.80 -37.54
CA SER B 198 1.71 -0.53 -36.26
C SER B 198 1.69 0.96 -36.05
N PHE B 199 0.53 1.57 -36.17
CA PHE B 199 0.44 3.00 -35.96
C PHE B 199 0.91 3.40 -34.57
N LEU B 200 0.45 2.68 -33.53
CA LEU B 200 0.84 3.04 -32.17
C LEU B 200 2.33 2.83 -31.90
N LYS B 201 2.88 1.75 -32.44
CA LYS B 201 4.29 1.45 -32.24
C LYS B 201 5.13 2.54 -32.90
N GLY B 202 4.74 2.94 -34.10
CA GLY B 202 5.47 3.99 -34.79
C GLY B 202 5.48 5.24 -33.93
N GLY B 203 4.30 5.62 -33.43
CA GLY B 203 4.19 6.79 -32.58
C GLY B 203 5.02 6.71 -31.32
N LEU B 204 5.02 5.56 -30.66
CA LEU B 204 5.80 5.38 -29.44
C LEU B 204 7.28 5.58 -29.74
N GLN B 205 7.67 5.25 -30.95
CA GLN B 205 9.05 5.37 -31.39
C GLN B 205 9.47 6.78 -31.65
N THR B 206 8.61 7.54 -32.31
CA THR B 206 8.92 8.88 -32.73
C THR B 206 8.44 10.07 -31.93
N ALA B 207 7.60 9.84 -30.92
CA ALA B 207 7.09 10.98 -30.12
C ALA B 207 8.21 11.46 -29.22
N THR B 208 8.20 12.74 -28.86
CA THR B 208 9.26 13.28 -28.01
C THR B 208 9.12 12.73 -26.60
N ALA B 209 7.88 12.55 -26.16
CA ALA B 209 7.63 12.01 -24.82
C ALA B 209 6.38 11.12 -24.81
N LEU B 210 6.34 10.18 -23.89
CA LEU B 210 5.19 9.28 -23.78
C LEU B 210 4.49 9.48 -22.43
N SER B 211 3.21 9.14 -22.37
CA SER B 211 2.47 9.26 -21.13
C SER B 211 1.21 8.39 -21.11
N THR B 212 0.78 8.05 -19.92
CA THR B 212 -0.43 7.29 -19.76
C THR B 212 -1.12 7.89 -18.54
N VAL B 213 -2.33 7.42 -18.25
CA VAL B 213 -3.19 7.98 -17.22
C VAL B 213 -3.01 7.76 -15.72
N SER B 214 -1.83 7.31 -15.30
CA SER B 214 -1.53 7.16 -13.89
C SER B 214 -0.07 6.76 -13.73
N PRO B 215 0.56 7.21 -12.65
CA PRO B 215 1.97 6.87 -12.43
C PRO B 215 2.20 5.36 -12.39
N SER B 216 1.27 4.63 -11.77
CA SER B 216 1.43 3.18 -11.67
C SER B 216 1.12 2.43 -12.97
N TYR B 217 0.17 2.92 -13.74
CA TYR B 217 -0.13 2.24 -14.97
C TYR B 217 1.05 2.38 -15.92
N ALA B 218 1.77 3.50 -15.81
CA ALA B 218 2.94 3.77 -16.65
C ALA B 218 4.02 2.70 -16.40
N GLU B 219 4.14 2.27 -15.14
CA GLU B 219 5.10 1.23 -14.78
C GLU B 219 4.57 -0.14 -15.24
N GLU B 220 3.27 -0.36 -15.04
CA GLU B 220 2.69 -1.64 -15.42
C GLU B 220 2.84 -1.92 -16.92
N ILE B 221 2.78 -0.89 -17.76
CA ILE B 221 2.92 -1.14 -19.19
C ILE B 221 4.38 -1.40 -19.61
N LEU B 222 5.29 -1.49 -18.64
CA LEU B 222 6.69 -1.81 -18.93
C LEU B 222 6.82 -3.31 -18.78
N THR B 223 5.79 -3.96 -18.26
CA THR B 223 5.78 -5.39 -18.05
C THR B 223 4.87 -6.10 -19.04
N ALA B 224 5.13 -7.39 -19.23
CA ALA B 224 4.38 -8.22 -20.17
C ALA B 224 2.92 -8.32 -19.77
N GLU B 225 2.68 -8.29 -18.47
CA GLU B 225 1.35 -8.39 -17.92
C GLU B 225 0.37 -7.27 -18.35
N PHE B 226 0.87 -6.12 -18.76
CA PHE B 226 -0.02 -5.02 -19.15
C PHE B 226 0.40 -4.31 -20.40
N GLY B 227 1.60 -4.61 -20.91
CA GLY B 227 2.11 -3.94 -22.11
C GLY B 227 1.56 -4.38 -23.45
N GLY B 229 2.45 -6.50 -25.53
CA GLY B 229 3.45 -6.61 -26.56
C GLY B 229 4.30 -5.39 -26.84
N LEU B 230 3.84 -4.21 -26.44
CA LEU B 230 4.61 -2.99 -26.67
C LEU B 230 5.59 -2.67 -25.52
N GLU B 231 5.58 -3.48 -24.47
CA GLU B 231 6.45 -3.26 -23.30
C GLU B 231 7.89 -3.02 -23.69
N GLY B 232 8.37 -3.78 -24.68
CA GLY B 232 9.74 -3.61 -25.11
C GLY B 232 10.00 -2.25 -25.69
N VAL B 233 9.15 -1.81 -26.61
CA VAL B 233 9.29 -0.51 -27.23
C VAL B 233 9.20 0.60 -26.19
N ILE B 234 8.20 0.52 -25.33
CA ILE B 234 8.05 1.54 -24.31
C ILE B 234 9.21 1.49 -23.31
N GLY B 235 9.59 0.28 -22.89
CA GLY B 235 10.68 0.14 -21.96
C GLY B 235 11.95 0.80 -22.47
N SER B 236 12.19 0.70 -23.78
CA SER B 236 13.38 1.29 -24.37
C SER B 236 13.37 2.80 -24.31
N ARG B 237 12.24 3.37 -23.94
CA ARG B 237 12.12 4.81 -23.87
C ARG B 237 11.49 5.21 -22.54
N ALA B 238 11.72 4.39 -21.53
CA ALA B 238 11.17 4.62 -20.21
C ALA B 238 11.61 5.97 -19.64
N HIS B 239 12.76 6.47 -20.08
CA HIS B 239 13.25 7.74 -19.58
C HIS B 239 12.44 8.93 -20.06
N VAL B 240 11.45 8.71 -20.92
CA VAL B 240 10.62 9.82 -21.34
C VAL B 240 9.13 9.50 -21.22
N LEU B 241 8.83 8.55 -20.33
CA LEU B 241 7.48 8.11 -20.08
C LEU B 241 6.94 8.73 -18.78
N HIS B 242 5.73 9.26 -18.82
CA HIS B 242 5.13 9.88 -17.66
C HIS B 242 3.74 9.30 -17.40
N GLY B 243 3.34 9.35 -16.14
CA GLY B 243 2.01 8.89 -15.76
C GLY B 243 1.35 10.05 -15.02
N ILE B 244 0.19 10.48 -15.48
CA ILE B 244 -0.55 11.58 -14.88
C ILE B 244 -2.02 11.18 -14.67
N VAL B 245 -2.44 11.10 -13.41
CA VAL B 245 -3.79 10.73 -13.05
C VAL B 245 -4.83 11.57 -13.77
N ASN B 246 -5.96 10.98 -14.13
CA ASN B 246 -7.02 11.74 -14.79
C ASN B 246 -7.80 12.50 -13.71
N GLY B 247 -8.48 13.57 -14.12
CA GLY B 247 -9.27 14.35 -13.19
C GLY B 247 -10.73 14.00 -13.38
N ILE B 248 -11.61 14.66 -12.63
CA ILE B 248 -13.04 14.41 -12.76
C ILE B 248 -13.79 15.75 -12.79
N ASP B 249 -15.02 15.74 -13.29
CA ASP B 249 -15.81 16.96 -13.33
C ASP B 249 -16.25 17.18 -11.89
N ALA B 250 -15.62 18.12 -11.21
CA ALA B 250 -15.95 18.38 -9.82
C ALA B 250 -17.18 19.27 -9.71
N ASP B 251 -17.75 19.66 -10.85
CA ASP B 251 -18.97 20.47 -10.82
C ASP B 251 -20.15 19.52 -10.92
N VAL B 252 -20.00 18.47 -11.71
CA VAL B 252 -21.05 17.49 -11.86
C VAL B 252 -21.09 16.64 -10.60
N TRP B 253 -19.90 16.32 -10.10
CA TRP B 253 -19.78 15.51 -8.89
C TRP B 253 -19.35 16.40 -7.75
N ASN B 254 -20.34 17.03 -7.12
CA ASN B 254 -20.13 17.94 -6.00
C ASN B 254 -21.26 17.62 -5.02
N PRO B 255 -20.96 16.96 -3.90
CA PRO B 255 -22.01 16.61 -2.92
C PRO B 255 -22.83 17.81 -2.43
N ALA B 256 -22.27 19.01 -2.50
CA ALA B 256 -22.98 20.21 -2.05
C ALA B 256 -24.03 20.74 -3.02
N THR B 257 -23.89 20.40 -4.29
CA THR B 257 -24.80 20.88 -5.31
C THR B 257 -25.49 19.79 -6.13
N ASP B 258 -25.00 18.56 -6.04
CA ASP B 258 -25.58 17.45 -6.79
C ASP B 258 -27.10 17.47 -6.66
N HIS B 259 -27.81 17.36 -7.78
CA HIS B 259 -29.26 17.33 -7.75
C HIS B 259 -29.77 15.90 -7.87
N LEU B 260 -28.86 14.95 -8.03
CA LEU B 260 -29.23 13.56 -8.20
C LEU B 260 -29.22 12.68 -6.95
N ILE B 261 -28.97 13.30 -5.80
CA ILE B 261 -28.94 12.55 -4.55
C ILE B 261 -30.08 13.08 -3.70
N HIS B 262 -30.37 12.39 -2.61
CA HIS B 262 -31.46 12.78 -1.73
C HIS B 262 -31.20 14.04 -0.90
N ASP B 263 -30.02 14.14 -0.29
CA ASP B 263 -29.69 15.31 0.52
C ASP B 263 -28.24 15.76 0.32
N ASN B 264 -28.05 17.06 0.16
CA ASN B 264 -26.71 17.59 -0.04
C ASN B 264 -25.94 17.66 1.27
N TYR B 265 -24.62 17.79 1.18
CA TYR B 265 -23.78 17.89 2.38
C TYR B 265 -22.38 18.32 1.97
N SER B 266 -21.51 18.43 2.96
CA SER B 266 -20.12 18.81 2.77
C SER B 266 -19.34 18.17 3.90
N ALA B 267 -18.03 18.36 3.91
CA ALA B 267 -17.19 17.76 4.94
C ALA B 267 -17.63 18.13 6.37
N ALA B 268 -18.20 19.32 6.53
CA ALA B 268 -18.67 19.83 7.82
C ALA B 268 -20.02 19.28 8.26
N ASN B 269 -20.67 18.51 7.40
CA ASN B 269 -21.95 17.94 7.79
C ASN B 269 -22.18 16.57 7.20
N LEU B 270 -21.37 15.61 7.65
CA LEU B 270 -21.47 14.24 7.20
C LEU B 270 -22.78 13.65 7.69
N LYS B 271 -23.38 14.30 8.67
CA LYS B 271 -24.62 13.83 9.26
C LYS B 271 -25.65 13.58 8.18
N ASN B 272 -25.76 14.53 7.25
CA ASN B 272 -26.72 14.43 6.17
C ASN B 272 -26.54 13.25 5.23
N ARG B 273 -25.34 12.67 5.19
CA ARG B 273 -25.10 11.54 4.30
C ARG B 273 -25.95 10.39 4.75
N ALA B 274 -26.21 10.32 6.04
CA ALA B 274 -27.04 9.27 6.62
C ALA B 274 -28.42 9.31 5.99
N LEU B 275 -28.84 10.49 5.52
CA LEU B 275 -30.14 10.60 4.89
C LEU B 275 -30.06 9.91 3.53
N ASN B 276 -28.90 10.01 2.88
CA ASN B 276 -28.72 9.34 1.60
C ASN B 276 -28.60 7.81 1.83
N LYS B 277 -28.02 7.43 2.97
CA LYS B 277 -27.83 6.01 3.30
C LYS B 277 -29.19 5.32 3.42
N LYS B 278 -30.18 6.07 3.88
CA LYS B 278 -31.54 5.56 4.01
C LYS B 278 -32.10 5.40 2.61
N ALA B 279 -31.99 6.45 1.81
CA ALA B 279 -32.52 6.39 0.44
C ALA B 279 -31.98 5.20 -0.33
N VAL B 280 -30.71 4.88 -0.15
CA VAL B 280 -30.12 3.74 -0.84
C VAL B 280 -30.82 2.45 -0.40
N ALA B 281 -30.83 2.21 0.90
CA ALA B 281 -31.46 1.02 1.45
C ALA B 281 -32.85 0.84 0.88
N GLU B 282 -33.62 1.90 0.89
CA GLU B 282 -34.97 1.82 0.37
C GLU B 282 -34.99 1.52 -1.13
N HIS B 283 -34.12 2.16 -1.90
CA HIS B 283 -34.11 1.90 -3.33
C HIS B 283 -33.81 0.43 -3.64
N PHE B 284 -32.84 -0.12 -2.94
CA PHE B 284 -32.45 -1.51 -3.13
C PHE B 284 -33.32 -2.47 -2.31
N ARG B 285 -34.32 -1.92 -1.63
CA ARG B 285 -35.22 -2.73 -0.82
C ARG B 285 -34.52 -3.64 0.18
N ILE B 286 -33.58 -3.12 0.93
CA ILE B 286 -32.89 -3.94 1.92
C ILE B 286 -33.06 -3.32 3.30
N ASP B 287 -32.54 -3.98 4.32
CA ASP B 287 -32.66 -3.43 5.66
C ASP B 287 -32.08 -2.02 5.66
N ASP B 288 -32.64 -1.17 6.51
CA ASP B 288 -32.19 0.19 6.62
C ASP B 288 -31.76 0.35 8.07
N ASP B 289 -30.46 0.20 8.32
CA ASP B 289 -29.94 0.31 9.67
C ASP B 289 -28.57 0.94 9.68
N GLY B 290 -27.99 1.10 10.86
CA GLY B 290 -26.69 1.72 10.97
C GLY B 290 -25.48 0.83 10.72
N SER B 291 -25.69 -0.35 10.13
CA SER B 291 -24.56 -1.24 9.88
C SER B 291 -23.76 -0.77 8.65
N PRO B 292 -22.50 -1.24 8.51
CA PRO B 292 -21.65 -0.86 7.38
C PRO B 292 -22.33 -1.18 6.06
N LEU B 293 -22.52 -0.17 5.22
CA LEU B 293 -23.14 -0.38 3.93
C LEU B 293 -22.10 -0.23 2.81
N PHE B 294 -21.68 -1.36 2.23
CA PHE B 294 -20.70 -1.41 1.15
C PHE B 294 -21.38 -1.35 -0.21
N CYS B 295 -20.69 -0.84 -1.24
CA CYS B 295 -21.30 -0.82 -2.56
C CYS B 295 -20.26 -1.14 -3.65
N VAL B 296 -20.74 -1.55 -4.82
CA VAL B 296 -19.88 -1.81 -5.95
C VAL B 296 -20.60 -1.12 -7.11
N ILE B 297 -19.88 -0.30 -7.85
CA ILE B 297 -20.47 0.43 -8.96
C ILE B 297 -19.49 0.20 -10.08
N SER B 298 -19.70 -0.86 -10.85
CA SER B 298 -18.75 -1.11 -11.90
C SER B 298 -19.15 -2.10 -12.96
N ARG B 299 -18.26 -2.31 -13.92
CA ARG B 299 -18.51 -3.27 -14.98
C ARG B 299 -18.36 -4.58 -14.24
N LEU B 300 -19.21 -5.54 -14.56
CA LEU B 300 -19.15 -6.81 -13.87
C LEU B 300 -18.31 -7.79 -14.68
N THR B 301 -16.99 -7.66 -14.54
CA THR B 301 -16.07 -8.50 -15.29
C THR B 301 -14.86 -8.96 -14.46
N TRP B 302 -14.08 -9.85 -15.05
CA TRP B 302 -12.88 -10.41 -14.43
C TRP B 302 -11.83 -9.28 -14.33
N GLN B 303 -11.74 -8.46 -15.37
CA GLN B 303 -10.80 -7.35 -15.38
C GLN B 303 -11.02 -6.41 -14.17
N LYS B 304 -12.26 -6.37 -13.68
CA LYS B 304 -12.57 -5.52 -12.54
C LYS B 304 -12.64 -6.31 -11.25
N GLY B 305 -12.25 -7.58 -11.32
CA GLY B 305 -12.23 -8.44 -10.15
C GLY B 305 -13.57 -8.69 -9.51
N ILE B 306 -14.63 -8.65 -10.31
CA ILE B 306 -15.96 -8.89 -9.76
C ILE B 306 -16.17 -10.39 -9.51
N ASP B 307 -15.30 -11.21 -10.10
CA ASP B 307 -15.36 -12.65 -9.86
C ASP B 307 -14.95 -12.80 -8.39
N LEU B 308 -13.98 -12.01 -7.95
CA LEU B 308 -13.50 -12.06 -6.56
C LEU B 308 -14.57 -11.49 -5.64
N ALA B 310 -17.78 -11.33 -6.06
CA ALA B 310 -18.88 -12.27 -5.94
C ALA B 310 -18.62 -13.32 -4.89
N GLU B 311 -17.36 -13.76 -4.76
CA GLU B 311 -17.00 -14.77 -3.77
C GLU B 311 -16.73 -14.18 -2.39
N ALA B 312 -16.92 -12.87 -2.24
CA ALA B 312 -16.66 -12.22 -0.95
C ALA B 312 -17.92 -11.64 -0.28
N VAL B 313 -19.08 -11.88 -0.88
CA VAL B 313 -20.30 -11.35 -0.31
C VAL B 313 -20.60 -11.95 1.05
N ASP B 314 -20.32 -13.24 1.23
CA ASP B 314 -20.59 -13.87 2.51
C ASP B 314 -19.75 -13.26 3.59
N GLU B 315 -18.50 -12.93 3.26
CA GLU B 315 -17.60 -12.32 4.23
C GLU B 315 -18.21 -11.02 4.73
N ILE B 316 -18.77 -10.24 3.82
CA ILE B 316 -19.38 -8.98 4.19
C ILE B 316 -20.53 -9.23 5.16
N VAL B 317 -21.49 -10.04 4.73
CA VAL B 317 -22.67 -10.36 5.54
C VAL B 317 -22.31 -10.89 6.93
N SER B 318 -21.40 -11.85 7.02
CA SER B 318 -21.04 -12.39 8.33
C SER B 318 -20.46 -11.35 9.27
N LEU B 319 -19.77 -10.36 8.72
CA LEU B 319 -19.20 -9.31 9.56
C LEU B 319 -20.31 -8.36 10.01
N GLY B 320 -21.52 -8.58 9.52
CA GLY B 320 -22.65 -7.73 9.91
C GLY B 320 -22.97 -6.57 8.96
N GLY B 321 -22.31 -6.55 7.80
CA GLY B 321 -22.54 -5.46 6.86
C GLY B 321 -23.49 -5.82 5.73
N ARG B 322 -23.84 -4.82 4.94
CA ARG B 322 -24.73 -4.97 3.79
C ARG B 322 -23.96 -4.62 2.53
N LEU B 323 -24.49 -5.03 1.39
CA LEU B 323 -23.87 -4.75 0.10
C LEU B 323 -24.86 -4.50 -1.00
N VAL B 324 -24.70 -3.37 -1.69
CA VAL B 324 -25.54 -3.02 -2.83
C VAL B 324 -24.64 -2.87 -4.06
N VAL B 325 -25.05 -3.50 -5.15
CA VAL B 325 -24.29 -3.49 -6.39
C VAL B 325 -25.09 -2.89 -7.55
N LEU B 326 -24.39 -2.17 -8.41
CA LEU B 326 -25.00 -1.57 -9.59
C LEU B 326 -24.01 -1.75 -10.73
N GLY B 327 -24.49 -2.26 -11.85
CA GLY B 327 -23.60 -2.44 -12.98
C GLY B 327 -24.07 -3.51 -13.93
N ALA B 328 -23.29 -3.75 -14.97
CA ALA B 328 -23.59 -4.74 -15.98
C ALA B 328 -22.29 -5.30 -16.50
N GLY B 329 -22.35 -6.50 -17.05
CA GLY B 329 -21.15 -7.12 -17.58
C GLY B 329 -21.33 -8.58 -17.91
N ASP B 330 -20.31 -9.36 -17.63
CA ASP B 330 -20.33 -10.79 -17.89
C ASP B 330 -21.57 -11.42 -17.25
N VAL B 331 -22.36 -12.10 -18.07
CA VAL B 331 -23.59 -12.74 -17.63
C VAL B 331 -23.41 -13.74 -16.47
N ALA B 332 -22.25 -14.39 -16.42
CA ALA B 332 -21.99 -15.35 -15.37
C ALA B 332 -21.77 -14.61 -14.05
N LEU B 333 -21.20 -13.41 -14.11
CA LEU B 333 -21.00 -12.63 -12.90
C LEU B 333 -22.32 -11.96 -12.52
N GLU B 334 -23.05 -11.47 -13.51
CA GLU B 334 -24.34 -10.85 -13.21
C GLU B 334 -25.15 -11.90 -12.47
N GLY B 335 -25.12 -13.13 -12.98
CA GLY B 335 -25.87 -14.21 -12.37
C GLY B 335 -25.42 -14.61 -10.98
N ALA B 336 -24.11 -14.63 -10.75
CA ALA B 336 -23.61 -15.03 -9.44
C ALA B 336 -24.01 -14.01 -8.37
N LEU B 337 -23.97 -12.73 -8.75
CA LEU B 337 -24.32 -11.66 -7.81
C LEU B 337 -25.82 -11.68 -7.51
N LEU B 338 -26.65 -11.95 -8.51
CA LEU B 338 -28.10 -12.00 -8.28
C LEU B 338 -28.42 -13.17 -7.38
N ALA B 339 -27.70 -14.27 -7.57
CA ALA B 339 -27.89 -15.46 -6.76
C ALA B 339 -27.47 -15.12 -5.34
N ALA B 340 -26.29 -14.51 -5.21
CA ALA B 340 -25.78 -14.13 -3.90
C ALA B 340 -26.80 -13.28 -3.16
N ALA B 341 -27.55 -12.46 -3.89
CA ALA B 341 -28.54 -11.61 -3.25
C ALA B 341 -29.77 -12.40 -2.82
N SER B 342 -29.97 -13.58 -3.40
CA SER B 342 -31.12 -14.42 -3.06
C SER B 342 -30.96 -15.06 -1.70
N ARG B 343 -29.74 -15.49 -1.39
CA ARG B 343 -29.49 -16.13 -0.11
C ARG B 343 -29.21 -15.15 1.01
N HIS B 344 -29.39 -13.86 0.72
CA HIS B 344 -29.15 -12.82 1.74
C HIS B 344 -30.22 -11.73 1.71
N HIS B 345 -31.47 -12.15 1.60
CA HIS B 345 -32.62 -11.26 1.54
C HIS B 345 -32.57 -10.17 2.61
N GLY B 346 -32.40 -8.92 2.18
CA GLY B 346 -32.36 -7.81 3.12
C GLY B 346 -30.98 -7.25 3.41
N ARG B 347 -29.93 -8.02 3.15
CA ARG B 347 -28.57 -7.58 3.41
C ARG B 347 -27.81 -7.27 2.11
N VAL B 348 -28.23 -7.89 1.01
CA VAL B 348 -27.58 -7.71 -0.28
C VAL B 348 -28.56 -7.32 -1.37
N GLY B 349 -28.25 -6.25 -2.08
CA GLY B 349 -29.14 -5.80 -3.14
C GLY B 349 -28.36 -5.62 -4.43
N VAL B 350 -28.84 -6.23 -5.50
CA VAL B 350 -28.18 -6.18 -6.79
C VAL B 350 -29.04 -5.60 -7.91
N ALA B 351 -28.56 -4.53 -8.54
CA ALA B 351 -29.25 -3.89 -9.65
C ALA B 351 -28.45 -4.04 -10.94
N ILE B 352 -28.90 -4.91 -11.84
CA ILE B 352 -28.18 -5.11 -13.11
C ILE B 352 -28.63 -4.10 -14.13
N GLY B 353 -27.68 -3.39 -14.72
CA GLY B 353 -28.02 -2.38 -15.72
C GLY B 353 -27.19 -1.13 -15.61
N TYR B 354 -27.74 -0.01 -16.10
CA TYR B 354 -27.07 1.28 -16.08
C TYR B 354 -27.99 2.30 -15.40
N ASN B 355 -27.43 3.23 -14.64
CA ASN B 355 -28.25 4.22 -13.95
C ASN B 355 -27.39 5.31 -13.33
N GLU B 356 -27.03 6.35 -14.06
CA GLU B 356 -26.18 7.36 -13.43
C GLU B 356 -26.79 8.06 -12.24
N PRO B 357 -28.09 8.43 -12.30
CA PRO B 357 -28.57 9.10 -11.09
C PRO B 357 -28.36 8.22 -9.86
N LEU B 358 -28.73 6.96 -9.93
CA LEU B 358 -28.53 6.05 -8.80
C LEU B 358 -27.03 5.99 -8.42
N SER B 359 -26.17 6.00 -9.43
CA SER B 359 -24.75 5.95 -9.18
C SER B 359 -24.33 7.11 -8.26
N HIS B 360 -24.94 8.28 -8.42
CA HIS B 360 -24.60 9.40 -7.58
C HIS B 360 -25.10 9.18 -6.16
N LEU B 361 -26.32 8.67 -6.06
CA LEU B 361 -26.95 8.44 -4.75
C LEU B 361 -26.18 7.46 -3.89
N GLN B 363 -22.90 6.81 -3.98
CA GLN B 363 -21.66 7.44 -3.51
C GLN B 363 -21.93 8.39 -2.35
N ALA B 364 -23.13 8.97 -2.34
CA ALA B 364 -23.54 9.91 -1.31
C ALA B 364 -24.04 9.23 -0.04
N GLY B 365 -24.61 8.03 -0.21
CA GLY B 365 -25.16 7.30 0.93
C GLY B 365 -24.44 6.05 1.45
N CYS B 366 -23.63 5.39 0.61
CA CYS B 366 -22.92 4.20 1.06
C CYS B 366 -21.67 4.55 1.87
N ASP B 367 -21.32 3.71 2.83
CA ASP B 367 -20.17 3.95 3.67
C ASP B 367 -18.83 3.65 2.95
N ALA B 368 -18.83 2.66 2.06
CA ALA B 368 -17.61 2.30 1.33
C ALA B 368 -17.90 1.72 -0.05
N ILE B 369 -16.91 1.79 -0.91
CA ILE B 369 -17.05 1.24 -2.24
C ILE B 369 -15.84 0.31 -2.45
N ILE B 370 -16.12 -0.90 -2.92
CA ILE B 370 -15.10 -1.91 -3.15
C ILE B 370 -14.76 -1.96 -4.63
N ILE B 371 -13.49 -1.71 -4.97
CA ILE B 371 -13.03 -1.71 -6.37
C ILE B 371 -11.81 -2.64 -6.42
N PRO B 372 -12.05 -3.94 -6.61
CA PRO B 372 -11.02 -4.97 -6.68
C PRO B 372 -10.50 -5.20 -8.09
N SER B 373 -10.22 -4.13 -8.81
CA SER B 373 -9.76 -4.24 -10.18
C SER B 373 -8.42 -4.93 -10.37
N ARG B 374 -8.31 -5.71 -11.44
CA ARG B 374 -7.05 -6.38 -11.77
C ARG B 374 -6.43 -5.47 -12.81
N PHE B 375 -7.29 -4.73 -13.50
CA PHE B 375 -6.85 -3.82 -14.56
C PHE B 375 -7.55 -2.47 -14.44
N GLU B 376 -6.77 -1.40 -14.25
CA GLU B 376 -7.37 -0.07 -14.14
C GLU B 376 -6.34 1.02 -14.42
N PRO B 377 -6.29 1.51 -15.66
CA PRO B 377 -5.32 2.56 -16.03
C PRO B 377 -5.34 3.79 -15.11
N CYS B 378 -6.52 4.14 -14.60
CA CYS B 378 -6.66 5.27 -13.69
C CYS B 378 -7.86 5.04 -12.77
N GLY B 379 -9.07 5.14 -13.33
CA GLY B 379 -10.25 4.89 -12.54
C GLY B 379 -10.99 6.17 -12.18
N LEU B 380 -12.32 6.07 -12.08
CA LEU B 380 -13.15 7.23 -11.77
C LEU B 380 -13.90 7.07 -10.46
N THR B 381 -14.41 5.87 -10.19
CA THR B 381 -15.18 5.65 -8.98
C THR B 381 -14.49 5.92 -7.64
N GLN B 382 -13.18 5.72 -7.55
CA GLN B 382 -12.49 5.99 -6.29
C GLN B 382 -12.35 7.51 -6.10
N LEU B 383 -12.35 8.28 -7.19
CA LEU B 383 -12.22 9.74 -7.08
C LEU B 383 -13.56 10.37 -6.71
N TYR B 384 -14.66 9.74 -7.15
CA TYR B 384 -16.01 10.21 -6.82
C TYR B 384 -16.22 9.87 -5.37
N ALA B 385 -15.74 8.69 -4.98
CA ALA B 385 -15.87 8.22 -3.62
C ALA B 385 -15.24 9.23 -2.66
N LEU B 386 -13.97 9.55 -2.89
CA LEU B 386 -13.26 10.52 -2.04
C LEU B 386 -14.04 11.83 -1.99
N ARG B 387 -14.42 12.31 -3.17
CA ARG B 387 -15.16 13.56 -3.30
C ARG B 387 -16.48 13.54 -2.55
N TYR B 388 -17.04 12.34 -2.36
CA TYR B 388 -18.34 12.18 -1.70
C TYR B 388 -18.30 11.65 -0.26
N GLY B 389 -17.12 11.40 0.27
CA GLY B 389 -17.07 10.90 1.63
C GLY B 389 -17.34 9.42 1.73
N CYS B 390 -17.29 8.72 0.61
CA CYS B 390 -17.45 7.27 0.59
C CYS B 390 -16.01 6.75 0.64
N ILE B 391 -15.73 5.81 1.54
CA ILE B 391 -14.39 5.26 1.70
C ILE B 391 -14.06 4.22 0.63
N PRO B 392 -13.01 4.44 -0.16
CA PRO B 392 -12.62 3.50 -1.19
C PRO B 392 -11.77 2.34 -0.65
N VAL B 393 -12.17 1.12 -0.99
CA VAL B 393 -11.46 -0.10 -0.61
C VAL B 393 -11.02 -0.59 -2.00
N VAL B 394 -9.76 -0.39 -2.34
CA VAL B 394 -9.29 -0.73 -3.66
C VAL B 394 -8.12 -1.70 -3.78
N ALA B 395 -7.98 -2.28 -4.96
CA ALA B 395 -6.88 -3.18 -5.22
C ALA B 395 -5.68 -2.31 -5.59
N ARG B 396 -4.47 -2.74 -5.26
CA ARG B 396 -3.29 -1.96 -5.61
C ARG B 396 -2.94 -2.14 -7.08
N THR B 397 -3.78 -1.60 -7.96
CA THR B 397 -3.51 -1.73 -9.38
C THR B 397 -3.74 -0.39 -10.02
N GLY B 398 -2.88 -0.07 -10.98
CA GLY B 398 -3.00 1.18 -11.72
C GLY B 398 -3.34 2.40 -10.89
N GLY B 399 -4.22 3.22 -11.42
CA GLY B 399 -4.62 4.43 -10.74
C GLY B 399 -5.14 4.22 -9.35
N LEU B 400 -5.75 3.06 -9.09
CA LEU B 400 -6.27 2.79 -7.75
C LEU B 400 -5.12 2.83 -6.75
N ALA B 401 -3.93 2.39 -7.19
CA ALA B 401 -2.76 2.37 -6.34
C ALA B 401 -2.23 3.76 -6.01
N ASP B 402 -2.35 4.69 -6.96
CA ASP B 402 -1.83 6.05 -6.76
C ASP B 402 -2.78 7.07 -6.15
N THR B 403 -4.07 6.76 -6.08
CA THR B 403 -5.05 7.73 -5.61
C THR B 403 -5.66 7.58 -4.21
N VAL B 404 -5.21 6.57 -3.48
CA VAL B 404 -5.70 6.31 -2.14
C VAL B 404 -4.52 6.22 -1.19
N ILE B 405 -4.59 6.92 -0.07
CA ILE B 405 -3.52 6.84 0.91
C ILE B 405 -4.03 5.72 1.84
N ASP B 406 -3.35 4.58 1.81
CA ASP B 406 -3.75 3.43 2.61
C ASP B 406 -3.85 3.73 4.10
N ALA B 407 -4.84 3.14 4.74
CA ALA B 407 -5.06 3.33 6.15
C ALA B 407 -4.24 2.34 6.96
N ASN B 408 -2.94 2.56 7.08
CA ASN B 408 -2.10 1.69 7.88
C ASN B 408 -1.82 2.45 9.17
N HIS B 409 -1.17 1.81 10.13
CA HIS B 409 -0.88 2.46 11.40
C HIS B 409 -0.34 3.89 11.29
N ALA B 410 0.69 4.09 10.48
CA ALA B 410 1.29 5.42 10.35
C ALA B 410 0.36 6.48 9.79
N ALA B 411 -0.33 6.17 8.70
CA ALA B 411 -1.22 7.14 8.09
C ALA B 411 -2.36 7.47 9.04
N LEU B 412 -2.78 6.49 9.84
CA LEU B 412 -3.87 6.71 10.79
C LEU B 412 -3.39 7.56 11.95
N ALA B 413 -2.16 7.32 12.40
CA ALA B 413 -1.63 8.12 13.51
C ALA B 413 -1.39 9.55 13.01
N SER B 414 -0.97 9.70 11.76
CA SER B 414 -0.73 11.05 11.23
C SER B 414 -2.05 11.67 10.73
N LYS B 415 -3.12 10.88 10.76
CA LYS B 415 -4.42 11.36 10.30
C LYS B 415 -4.36 11.79 8.83
N ALA B 416 -3.62 11.04 8.03
CA ALA B 416 -3.47 11.34 6.61
C ALA B 416 -4.05 10.27 5.69
N ALA B 417 -4.73 9.28 6.26
CA ALA B 417 -5.33 8.19 5.50
C ALA B 417 -6.66 8.51 4.83
N THR B 418 -6.88 7.99 3.63
CA THR B 418 -8.13 8.24 2.92
C THR B 418 -8.90 6.99 2.51
N GLY B 419 -8.28 5.82 2.66
CA GLY B 419 -8.97 4.59 2.31
C GLY B 419 -8.19 3.32 2.59
N VAL B 420 -8.67 2.22 2.04
CA VAL B 420 -8.02 0.94 2.24
C VAL B 420 -7.58 0.30 0.93
N GLN B 421 -6.31 -0.10 0.87
CA GLN B 421 -5.75 -0.74 -0.30
C GLN B 421 -5.33 -2.15 0.05
N PHE B 422 -5.37 -3.06 -0.91
CA PHE B 422 -4.93 -4.42 -0.63
C PHE B 422 -4.14 -4.95 -1.79
N SER B 423 -3.02 -5.52 -1.49
CA SER B 423 -2.10 -6.13 -2.46
C SER B 423 -2.13 -7.65 -2.05
N PRO B 424 -2.21 -8.79 -2.67
CA PRO B 424 -2.44 -9.19 -4.08
C PRO B 424 -3.83 -9.03 -4.48
N VAL B 425 -4.11 -9.04 -5.71
CA VAL B 425 -5.50 -8.98 -6.03
C VAL B 425 -6.04 -10.40 -5.98
N THR B 426 -6.40 -10.84 -4.77
CA THR B 426 -6.90 -12.18 -4.58
C THR B 426 -8.10 -12.12 -3.69
N LEU B 427 -8.81 -13.23 -3.61
CA LEU B 427 -9.98 -13.32 -2.78
C LEU B 427 -9.60 -13.09 -1.32
N ASP B 428 -8.45 -13.62 -0.91
CA ASP B 428 -8.02 -13.47 0.49
C ASP B 428 -7.61 -12.03 0.78
N GLY B 429 -6.97 -11.39 -0.18
CA GLY B 429 -6.58 -10.00 0.03
C GLY B 429 -7.84 -9.16 0.22
N LEU B 430 -8.81 -9.39 -0.67
CA LEU B 430 -10.08 -8.68 -0.63
C LEU B 430 -10.80 -8.89 0.70
N LYS B 431 -10.82 -10.12 1.19
CA LYS B 431 -11.50 -10.41 2.45
C LYS B 431 -10.85 -9.64 3.59
N GLN B 432 -9.52 -9.67 3.67
CA GLN B 432 -8.85 -8.93 4.73
C GLN B 432 -9.16 -7.44 4.59
N ALA B 433 -9.18 -6.94 3.36
CA ALA B 433 -9.47 -5.53 3.14
C ALA B 433 -10.83 -5.20 3.74
N ILE B 434 -11.79 -6.08 3.50
CA ILE B 434 -13.12 -5.90 4.02
C ILE B 434 -13.12 -5.92 5.54
N ARG B 435 -12.44 -6.91 6.12
CA ARG B 435 -12.38 -6.99 7.57
C ARG B 435 -11.77 -5.71 8.14
N ARG B 436 -10.69 -5.24 7.52
CA ARG B 436 -10.05 -4.02 7.97
C ARG B 436 -11.04 -2.88 7.95
N THR B 437 -11.72 -2.72 6.82
CA THR B 437 -12.67 -1.63 6.66
C THR B 437 -13.74 -1.63 7.74
N VAL B 438 -14.28 -2.82 8.04
CA VAL B 438 -15.31 -2.92 9.06
C VAL B 438 -14.80 -2.50 10.43
N ARG B 439 -13.58 -2.91 10.79
CA ARG B 439 -13.08 -2.50 12.11
C ARG B 439 -13.00 -0.99 12.13
N TYR B 440 -12.49 -0.42 11.03
CA TYR B 440 -12.38 1.03 10.95
C TYR B 440 -13.73 1.72 11.08
N TYR B 441 -14.74 1.16 10.42
CA TYR B 441 -16.08 1.72 10.47
C TYR B 441 -16.63 1.83 11.89
N HIS B 442 -16.21 0.93 12.78
CA HIS B 442 -16.65 0.94 14.16
C HIS B 442 -15.85 1.87 15.08
N ASP B 443 -15.01 2.69 14.48
CA ASP B 443 -14.23 3.68 15.22
C ASP B 443 -14.59 5.02 14.56
N PRO B 444 -15.75 5.58 14.93
CA PRO B 444 -16.29 6.85 14.45
C PRO B 444 -15.28 7.97 14.25
N LYS B 445 -14.52 8.30 15.29
CA LYS B 445 -13.53 9.36 15.15
C LYS B 445 -12.56 9.06 14.00
N LEU B 446 -12.20 7.80 13.85
CA LEU B 446 -11.26 7.43 12.79
C LEU B 446 -11.93 7.49 11.41
N TRP B 447 -13.09 6.87 11.31
CA TRP B 447 -13.83 6.81 10.07
C TRP B 447 -14.14 8.20 9.53
N THR B 448 -14.81 9.04 10.33
CA THR B 448 -15.13 10.39 9.87
C THR B 448 -13.88 11.20 9.51
N GLN B 449 -12.80 10.99 10.24
CA GLN B 449 -11.57 11.72 9.94
C GLN B 449 -11.18 11.40 8.49
N GLN B 451 -13.09 10.30 6.11
CA GLN B 451 -14.07 10.84 5.19
C GLN B 451 -13.73 12.27 4.82
N LYS B 452 -13.50 13.10 5.84
CA LYS B 452 -13.21 14.51 5.66
C LYS B 452 -11.95 14.79 4.85
N LEU B 453 -10.93 13.97 5.04
CA LEU B 453 -9.68 14.16 4.34
C LEU B 453 -9.89 13.90 2.84
N GLY B 454 -10.70 12.88 2.54
CA GLY B 454 -10.96 12.55 1.16
C GLY B 454 -11.81 13.60 0.47
N LYS B 456 -11.69 16.57 0.91
CA LYS B 456 -10.80 17.72 0.71
C LYS B 456 -9.75 17.43 -0.34
N SER B 457 -9.69 16.20 -0.83
CA SER B 457 -8.69 15.84 -1.83
C SER B 457 -8.95 16.46 -3.19
N ASP B 458 -7.92 17.03 -3.80
CA ASP B 458 -8.12 17.64 -5.11
C ASP B 458 -8.18 16.53 -6.16
N VAL B 459 -9.33 16.40 -6.81
CA VAL B 459 -9.52 15.40 -7.84
C VAL B 459 -10.02 16.06 -9.11
N SER B 460 -9.91 17.39 -9.19
CA SER B 460 -10.38 18.09 -10.39
C SER B 460 -9.42 17.96 -11.56
N TRP B 461 -9.95 18.22 -12.75
CA TRP B 461 -9.13 18.17 -13.95
C TRP B 461 -8.12 19.31 -13.90
N GLU B 462 -8.47 20.36 -13.17
CA GLU B 462 -7.57 21.51 -13.03
C GLU B 462 -6.21 21.10 -12.50
N LYS B 463 -6.22 20.21 -11.52
CA LYS B 463 -5.02 19.72 -10.88
C LYS B 463 -4.10 18.91 -11.81
N SER B 464 -4.70 18.01 -12.59
CA SER B 464 -3.93 17.18 -13.52
C SER B 464 -3.42 18.07 -14.63
N ALA B 465 -4.26 18.99 -15.08
CA ALA B 465 -3.88 19.92 -16.13
C ALA B 465 -2.58 20.58 -15.72
N GLY B 466 -2.47 20.90 -14.43
CA GLY B 466 -1.25 21.52 -13.94
C GLY B 466 -0.04 20.69 -14.32
N LEU B 467 -0.13 19.39 -14.09
CA LEU B 467 0.96 18.46 -14.41
C LEU B 467 1.26 18.43 -15.91
N TYR B 468 0.22 18.24 -16.71
CA TYR B 468 0.39 18.22 -18.16
C TYR B 468 1.08 19.51 -18.62
N ALA B 469 0.57 20.65 -18.15
CA ALA B 469 1.11 21.97 -18.50
C ALA B 469 2.59 22.09 -18.19
N ALA B 470 3.04 21.44 -17.11
CA ALA B 470 4.44 21.48 -16.74
C ALA B 470 5.25 20.57 -17.67
N LEU B 471 4.64 19.48 -18.10
CA LEU B 471 5.30 18.56 -19.01
C LEU B 471 5.41 19.24 -20.37
N TYR B 472 4.34 19.93 -20.78
CA TYR B 472 4.33 20.66 -22.05
C TYR B 472 5.48 21.67 -22.07
N SER B 473 5.77 22.28 -20.93
CA SER B 473 6.84 23.27 -20.83
C SER B 473 8.21 22.65 -21.04
N GLN B 474 8.53 21.62 -20.26
CA GLN B 474 9.82 20.97 -20.39
C GLN B 474 10.04 20.49 -21.84
N LEU B 475 8.95 20.11 -22.50
CA LEU B 475 9.03 19.64 -23.86
C LEU B 475 9.37 20.76 -24.85
N ILE B 476 8.89 21.98 -24.60
CA ILE B 476 9.10 23.06 -25.55
C ILE B 476 10.40 23.84 -25.47
N SER B 477 11.26 23.41 -24.57
CA SER B 477 12.56 24.04 -24.39
C SER B 477 13.67 23.03 -24.56
#